data_9KYE
#
_entry.id   9KYE
#
_cell.length_a   1.00
_cell.length_b   1.00
_cell.length_c   1.00
_cell.angle_alpha   90.00
_cell.angle_beta   90.00
_cell.angle_gamma   90.00
#
_symmetry.space_group_name_H-M   'P 1'
#
loop_
_entity.id
_entity.type
_entity.pdbx_description
1 polymer 'Pertussis toxin-like subunit ArtA'
2 polymer 'Subtilase cytotoxin subunit B'
#
loop_
_entity_poly.entity_id
_entity_poly.type
_entity_poly.pdbx_seq_one_letter_code
_entity_poly.pdbx_strand_id
1 'polypeptide(L)'
;MKKLILLTLIIASFDIYAIDFVYRVDPNPPDVIFRDGFSLLGYNRDLQQLISGRSCAGGSSDSRYIVTTSDINKTYAIAR
AYYSHSKFKGNLYRYKIRADNNFYSLTPSVNYLESQGGHFNAYEKSMIRLQSEYVSTLSILPENIQKAVALVYDSSTGQI
KDGTSTINTDYVSISSVSNPGVIPFLPEPQANTQQRIDAFGSLISSCFSIYSVCQTHRGQKTEVYKMPFYDARPVIQFII
SGN
;
B
2 'polypeptide(L)'
;EWTGDSSINYYSDEVISDFHVGQFNRSAYFCIKTVKKSGEGTPIIACALSHDSKWIPSFNIMLEQARNFYITGHSIRVYV
QPNVWSNKSFIEALSSNALVGLSSCSTSECFGPVKP
;
C,D,E,F,G
#
# COMPACT_ATOMS: atom_id res chain seq x y z
N ILE A 19 24.31 -2.68 11.68
CA ILE A 19 24.83 -3.72 10.80
C ILE A 19 26.32 -3.49 10.55
N ASP A 20 26.99 -4.51 10.03
CA ASP A 20 28.43 -4.45 9.77
C ASP A 20 28.76 -4.19 8.30
N PHE A 21 27.95 -4.70 7.37
CA PHE A 21 28.21 -4.56 5.95
C PHE A 21 26.96 -4.04 5.27
N VAL A 22 27.13 -3.00 4.44
CA VAL A 22 26.05 -2.48 3.62
C VAL A 22 26.35 -2.86 2.17
N TYR A 23 25.37 -2.63 1.30
CA TYR A 23 25.52 -2.98 -0.11
C TYR A 23 24.99 -1.87 -0.98
N ARG A 24 25.64 -1.67 -2.12
CA ARG A 24 25.27 -0.61 -3.07
C ARG A 24 25.39 -1.14 -4.49
N VAL A 25 24.38 -0.91 -5.31
CA VAL A 25 24.38 -1.32 -6.70
C VAL A 25 24.84 -0.15 -7.55
N ASP A 26 25.91 -0.35 -8.34
CA ASP A 26 26.48 0.70 -9.17
C ASP A 26 26.90 0.05 -10.49
N PRO A 27 26.69 0.70 -11.63
CA PRO A 27 27.00 0.07 -12.92
C PRO A 27 28.45 0.23 -13.34
N ASN A 28 29.18 1.14 -12.72
CA ASN A 28 30.58 1.33 -13.08
C ASN A 28 31.37 0.05 -12.74
N PRO A 29 32.35 -0.32 -13.56
CA PRO A 29 33.12 -1.53 -13.28
C PRO A 29 33.98 -1.35 -12.04
N PRO A 30 34.33 -2.45 -11.36
CA PRO A 30 35.12 -2.31 -10.13
C PRO A 30 36.47 -1.65 -10.33
N ASP A 31 37.05 -1.73 -11.53
CA ASP A 31 38.37 -1.15 -11.75
C ASP A 31 38.35 0.37 -11.66
N VAL A 32 37.18 0.99 -11.82
CA VAL A 32 37.06 2.43 -11.63
C VAL A 32 36.45 2.82 -10.29
N ILE A 33 35.62 1.96 -9.70
CA ILE A 33 35.06 2.23 -8.38
C ILE A 33 36.10 2.04 -7.27
N PHE A 34 36.99 1.06 -7.40
CA PHE A 34 37.99 0.80 -6.39
C PHE A 34 39.02 1.93 -6.26
N ARG A 35 39.04 2.87 -7.20
CA ARG A 35 39.90 4.05 -7.12
C ARG A 35 39.12 5.33 -6.88
N ASP A 36 37.92 5.46 -7.44
CA ASP A 36 37.10 6.66 -7.28
C ASP A 36 36.07 6.55 -6.18
N GLY A 37 35.47 5.37 -6.00
CA GLY A 37 34.47 5.20 -4.96
C GLY A 37 33.17 5.93 -5.28
N PHE A 38 32.43 6.26 -4.22
CA PHE A 38 31.17 6.99 -4.32
C PHE A 38 31.36 8.38 -3.75
N SER A 39 30.88 9.39 -4.48
CA SER A 39 31.07 10.78 -4.10
C SER A 39 29.73 11.42 -3.78
N LEU A 40 29.76 12.46 -2.94
CA LEU A 40 28.55 13.18 -2.57
C LEU A 40 27.99 13.94 -3.77
N LEU A 41 26.67 13.99 -3.87
CA LEU A 41 26.03 14.75 -4.94
C LEU A 41 26.21 16.25 -4.72
N GLY A 42 25.70 16.77 -3.61
CA GLY A 42 25.76 18.19 -3.31
C GLY A 42 25.85 18.44 -1.84
N TYR A 43 25.09 19.41 -1.35
CA TYR A 43 25.17 19.83 0.04
C TYR A 43 23.82 19.88 0.75
N ASN A 44 22.80 19.18 0.24
CA ASN A 44 21.51 19.13 0.90
C ASN A 44 21.58 18.12 2.04
N ARG A 45 21.68 18.63 3.27
CA ARG A 45 21.79 17.81 4.45
C ARG A 45 20.44 17.50 5.09
N ASP A 46 19.34 17.93 4.46
CA ASP A 46 18.02 17.72 5.03
C ASP A 46 17.65 16.25 5.01
N LEU A 47 17.17 15.75 6.16
CA LEU A 47 16.76 14.35 6.25
C LEU A 47 15.40 14.13 5.59
N GLN A 48 14.50 15.10 5.68
CA GLN A 48 13.19 14.97 5.06
C GLN A 48 13.29 14.85 3.55
N GLN A 49 14.17 15.65 2.95
CA GLN A 49 14.36 15.59 1.49
C GLN A 49 15.00 14.27 1.08
N LEU A 50 15.94 13.76 1.87
CA LEU A 50 16.66 12.55 1.50
C LEU A 50 15.76 11.33 1.52
N ILE A 51 14.93 11.19 2.55
CA ILE A 51 14.06 10.01 2.67
C ILE A 51 13.07 9.97 1.51
N SER A 52 12.47 11.10 1.18
CA SER A 52 11.53 11.16 0.06
C SER A 52 12.22 11.30 -1.28
N GLY A 53 13.52 11.56 -1.31
CA GLY A 53 14.27 11.63 -2.55
C GLY A 53 14.27 12.97 -3.24
N ARG A 54 13.78 14.03 -2.60
CA ARG A 54 13.78 15.35 -3.23
C ARG A 54 15.19 15.89 -3.39
N SER A 55 16.12 15.48 -2.53
CA SER A 55 17.52 15.88 -2.66
C SER A 55 18.33 14.93 -3.53
N CYS A 56 17.77 13.78 -3.89
CA CYS A 56 18.47 12.79 -4.69
C CYS A 56 18.14 12.97 -6.17
N ALA A 57 18.47 11.95 -6.99
CA ALA A 57 18.35 12.06 -8.44
C ALA A 57 16.93 12.36 -8.89
N GLY A 58 15.92 12.07 -8.07
CA GLY A 58 14.56 12.42 -8.40
C GLY A 58 14.19 13.84 -8.07
N GLY A 59 15.16 14.67 -7.70
CA GLY A 59 14.91 16.03 -7.28
C GLY A 59 16.10 16.94 -7.54
N SER A 60 16.46 17.74 -6.54
CA SER A 60 17.56 18.70 -6.71
C SER A 60 18.88 18.00 -7.01
N SER A 61 19.01 16.72 -6.65
CA SER A 61 20.23 15.94 -6.88
C SER A 61 21.43 16.59 -6.20
N ASP A 62 21.28 16.91 -4.91
CA ASP A 62 22.34 17.52 -4.15
C ASP A 62 22.43 16.98 -2.72
N SER A 63 22.07 15.71 -2.51
CA SER A 63 22.06 15.14 -1.18
C SER A 63 23.48 15.00 -0.62
N ARG A 64 23.58 15.09 0.70
CA ARG A 64 24.84 14.93 1.41
C ARG A 64 25.02 13.52 1.97
N TYR A 65 24.11 12.59 1.64
CA TYR A 65 24.17 11.25 2.17
C TYR A 65 24.19 10.25 1.02
N ILE A 66 25.01 9.21 1.16
CA ILE A 66 25.00 8.09 0.23
C ILE A 66 24.23 6.95 0.89
N VAL A 67 23.18 6.49 0.23
CA VAL A 67 22.24 5.54 0.82
C VAL A 67 22.59 4.13 0.34
N THR A 68 22.83 3.24 1.30
CA THR A 68 23.16 1.84 1.01
C THR A 68 22.29 0.93 1.86
N THR A 69 21.91 -0.20 1.31
CA THR A 69 21.07 -1.15 2.03
C THR A 69 21.89 -2.31 2.58
N SER A 70 21.48 -2.81 3.74
CA SER A 70 22.12 -3.97 4.36
C SER A 70 21.43 -5.28 4.01
N ASP A 71 20.19 -5.24 3.55
CA ASP A 71 19.47 -6.45 3.16
C ASP A 71 19.91 -6.86 1.77
N ILE A 72 20.35 -8.11 1.62
CA ILE A 72 20.86 -8.58 0.33
C ILE A 72 19.73 -8.63 -0.69
N ASN A 73 18.50 -8.84 -0.23
CA ASN A 73 17.38 -8.91 -1.16
C ASN A 73 17.02 -7.56 -1.74
N LYS A 74 17.33 -6.47 -1.05
CA LYS A 74 17.07 -5.14 -1.60
C LYS A 74 17.96 -4.86 -2.81
N THR A 75 19.22 -5.27 -2.74
CA THR A 75 20.12 -5.10 -3.88
C THR A 75 19.65 -5.92 -5.07
N TYR A 76 19.18 -7.15 -4.82
CA TYR A 76 18.56 -7.92 -5.89
C TYR A 76 17.35 -7.19 -6.45
N ALA A 77 16.59 -6.50 -5.60
CA ALA A 77 15.45 -5.74 -6.08
C ALA A 77 15.88 -4.59 -6.99
N ILE A 78 16.94 -3.87 -6.61
CA ILE A 78 17.45 -2.78 -7.44
C ILE A 78 17.95 -3.32 -8.78
N ALA A 79 18.71 -4.41 -8.73
CA ALA A 79 19.23 -4.99 -9.97
C ALA A 79 18.10 -5.47 -10.86
N ARG A 80 17.08 -6.11 -10.27
CA ARG A 80 15.94 -6.57 -11.05
C ARG A 80 15.19 -5.39 -11.67
N ALA A 81 14.99 -4.33 -10.90
CA ALA A 81 14.27 -3.17 -11.42
C ALA A 81 15.01 -2.54 -12.59
N TYR A 82 16.33 -2.44 -12.49
CA TYR A 82 17.09 -1.83 -13.58
C TYR A 82 17.25 -2.76 -14.77
N TYR A 83 17.26 -4.08 -14.53
CA TYR A 83 17.49 -5.02 -15.62
C TYR A 83 16.22 -5.31 -16.41
N SER A 84 15.12 -5.57 -15.71
CA SER A 84 13.83 -5.83 -16.38
C SER A 84 13.13 -4.51 -16.70
N HIS A 85 13.76 -3.76 -17.60
CA HIS A 85 13.27 -2.43 -17.98
C HIS A 85 13.28 -2.21 -19.50
N SER A 86 13.93 -3.08 -20.26
CA SER A 86 13.86 -3.25 -21.71
C SER A 86 14.67 -2.24 -22.51
N LYS A 87 15.11 -1.13 -21.90
CA LYS A 87 16.02 -0.23 -22.59
C LYS A 87 17.11 0.34 -21.70
N PHE A 88 17.44 -0.31 -20.59
CA PHE A 88 18.63 0.02 -19.80
C PHE A 88 19.79 -0.80 -20.36
N LYS A 89 20.71 -0.14 -21.05
CA LYS A 89 21.87 -0.80 -21.64
C LYS A 89 23.05 -0.62 -20.70
N GLY A 90 23.37 -1.66 -19.94
CA GLY A 90 24.50 -1.60 -19.04
C GLY A 90 24.61 -2.87 -18.24
N ASN A 91 25.65 -2.92 -17.40
CA ASN A 91 25.89 -4.02 -16.49
C ASN A 91 26.02 -3.49 -15.08
N LEU A 92 25.41 -4.21 -14.12
CA LEU A 92 25.35 -3.76 -12.74
C LEU A 92 26.30 -4.56 -11.86
N TYR A 93 26.88 -3.88 -10.87
CA TYR A 93 27.80 -4.49 -9.93
C TYR A 93 27.35 -4.16 -8.52
N ARG A 94 27.26 -5.18 -7.67
CA ARG A 94 26.88 -5.00 -6.27
C ARG A 94 28.16 -4.93 -5.43
N TYR A 95 28.43 -3.76 -4.88
CA TYR A 95 29.59 -3.54 -4.04
C TYR A 95 29.18 -3.66 -2.58
N LYS A 96 29.90 -4.46 -1.81
CA LYS A 96 29.66 -4.50 -0.37
C LYS A 96 30.66 -3.57 0.30
N ILE A 97 30.17 -2.80 1.28
CA ILE A 97 30.92 -1.72 1.90
C ILE A 97 30.95 -1.96 3.41
N ARG A 98 32.13 -1.83 3.99
CA ARG A 98 32.29 -1.88 5.44
C ARG A 98 31.75 -0.59 6.04
N ALA A 99 30.68 -0.70 6.81
CA ALA A 99 30.12 0.47 7.47
C ALA A 99 31.02 0.93 8.61
N ASP A 100 31.17 2.23 8.75
CA ASP A 100 31.96 2.81 9.84
C ASP A 100 31.15 3.85 10.60
N ASN A 101 31.82 4.64 11.44
CA ASN A 101 31.15 5.63 12.28
C ASN A 101 30.46 6.73 11.47
N ASN A 102 30.67 6.80 10.16
CA ASN A 102 29.98 7.77 9.31
C ASN A 102 28.72 7.20 8.67
N PHE A 103 28.33 5.99 9.03
CA PHE A 103 27.12 5.36 8.53
C PHE A 103 26.06 5.41 9.62
N TYR A 104 24.88 5.90 9.28
CA TYR A 104 23.80 6.11 10.25
C TYR A 104 22.54 5.43 9.76
N SER A 105 21.84 4.76 10.68
CA SER A 105 20.51 4.25 10.38
C SER A 105 19.51 5.40 10.47
N LEU A 106 18.53 5.40 9.56
CA LEU A 106 17.59 6.51 9.49
C LEU A 106 16.55 6.51 10.61
N THR A 107 16.39 5.39 11.33
CA THR A 107 15.35 5.32 12.34
C THR A 107 15.74 6.09 13.61
N PRO A 108 16.97 5.95 14.14
CA PRO A 108 17.33 6.80 15.29
C PRO A 108 17.19 8.30 15.02
N SER A 109 17.55 8.75 13.81
CA SER A 109 17.48 10.16 13.50
C SER A 109 16.05 10.62 13.22
N VAL A 110 15.20 9.75 12.67
CA VAL A 110 13.80 10.08 12.47
C VAL A 110 13.12 10.34 13.82
N ASN A 111 13.42 9.50 14.81
CA ASN A 111 12.84 9.70 16.14
C ASN A 111 13.31 11.01 16.75
N TYR A 112 14.58 11.34 16.59
CA TYR A 112 15.09 12.59 17.15
C TYR A 112 14.53 13.80 16.41
N LEU A 113 14.48 13.75 15.08
CA LEU A 113 13.95 14.87 14.32
C LEU A 113 12.48 15.11 14.61
N GLU A 114 11.71 14.04 14.80
CA GLU A 114 10.31 14.15 15.17
C GLU A 114 10.10 14.70 16.57
N SER A 115 11.13 14.65 17.42
CA SER A 115 11.02 15.14 18.79
C SER A 115 11.39 16.61 18.92
N GLN A 116 12.05 17.20 17.92
CA GLN A 116 12.48 18.58 17.97
C GLN A 116 11.50 19.53 17.29
N GLY A 117 10.31 19.05 16.93
CA GLY A 117 9.32 19.87 16.27
C GLY A 117 9.16 19.53 14.80
N GLY A 118 9.12 18.25 14.48
CA GLY A 118 8.92 17.80 13.12
C GLY A 118 7.96 16.63 13.08
N HIS A 119 7.47 16.35 11.88
CA HIS A 119 6.50 15.27 11.66
C HIS A 119 7.00 14.37 10.54
N PHE A 120 7.05 13.07 10.82
CA PHE A 120 7.30 12.05 9.81
C PHE A 120 6.05 11.18 9.71
N ASN A 121 5.30 11.34 8.62
CA ASN A 121 4.06 10.59 8.47
C ASN A 121 4.36 9.11 8.31
N ALA A 122 3.30 8.30 8.37
CA ALA A 122 3.45 6.87 8.21
C ALA A 122 3.93 6.48 6.83
N TYR A 123 3.85 7.38 5.85
CA TYR A 123 4.41 7.13 4.53
C TYR A 123 5.94 7.09 4.57
N GLU A 124 6.56 8.01 5.31
CA GLU A 124 8.01 8.00 5.48
C GLU A 124 8.46 7.08 6.60
N LYS A 125 7.54 6.61 7.44
CA LYS A 125 7.88 5.59 8.44
C LYS A 125 7.82 4.19 7.86
N SER A 126 6.88 3.93 6.96
CA SER A 126 6.78 2.65 6.28
C SER A 126 7.76 2.53 5.13
N MET A 127 8.47 3.60 4.78
CA MET A 127 9.42 3.58 3.68
C MET A 127 10.82 3.16 4.13
N ILE A 128 11.27 3.62 5.30
CA ILE A 128 12.53 3.14 5.84
C ILE A 128 12.43 1.67 6.24
N ARG A 129 11.27 1.24 6.73
CA ARG A 129 11.09 -0.16 7.10
C ARG A 129 11.25 -1.09 5.90
N LEU A 130 10.89 -0.61 4.70
CA LEU A 130 11.00 -1.42 3.50
C LEU A 130 12.39 -1.38 2.86
N GLN A 131 13.27 -0.51 3.34
CA GLN A 131 14.52 -0.22 2.63
C GLN A 131 15.77 -0.61 3.40
N SER A 132 15.74 -0.55 4.73
CA SER A 132 16.91 -0.78 5.57
C SER A 132 18.06 0.14 5.16
N GLU A 133 17.72 1.41 4.95
CA GLU A 133 18.70 2.38 4.49
C GLU A 133 19.73 2.68 5.57
N TYR A 134 20.98 2.88 5.13
CA TYR A 134 22.05 3.43 5.95
C TYR A 134 22.70 4.54 5.16
N VAL A 135 22.81 5.72 5.76
CA VAL A 135 23.28 6.91 5.06
C VAL A 135 24.69 7.21 5.50
N SER A 136 25.55 7.50 4.52
CA SER A 136 26.92 7.93 4.76
C SER A 136 26.97 9.45 4.59
N THR A 137 27.44 10.13 5.64
CA THR A 137 27.54 11.59 5.60
C THR A 137 28.61 12.05 4.62
N LEU A 138 29.75 11.37 4.59
CA LEU A 138 30.84 11.70 3.69
C LEU A 138 30.91 10.67 2.57
N SER A 139 31.82 10.91 1.64
CA SER A 139 32.00 10.01 0.50
C SER A 139 32.50 8.65 0.97
N ILE A 140 32.03 7.60 0.30
CA ILE A 140 32.46 6.23 0.60
C ILE A 140 33.88 6.08 0.05
N LEU A 141 34.86 6.04 0.95
CA LEU A 141 36.24 5.91 0.56
C LEU A 141 36.47 4.56 -0.10
N PRO A 142 37.42 4.47 -1.05
CA PRO A 142 37.62 3.20 -1.75
C PRO A 142 38.09 2.06 -0.85
N GLU A 143 38.66 2.37 0.32
CA GLU A 143 39.06 1.32 1.24
C GLU A 143 37.90 0.80 2.08
N ASN A 144 36.71 1.39 1.98
CA ASN A 144 35.54 0.88 2.68
C ASN A 144 34.80 -0.19 1.90
N ILE A 145 35.04 -0.32 0.61
CA ILE A 145 34.43 -1.36 -0.21
C ILE A 145 35.32 -2.59 -0.19
N GLN A 146 34.76 -3.73 0.20
CA GLN A 146 35.55 -4.95 0.29
C GLN A 146 35.54 -5.73 -1.02
N LYS A 147 34.35 -6.04 -1.55
CA LYS A 147 34.26 -6.83 -2.76
C LYS A 147 33.14 -6.30 -3.64
N ALA A 148 33.22 -6.65 -4.92
CA ALA A 148 32.24 -6.27 -5.94
C ALA A 148 31.83 -7.52 -6.69
N VAL A 149 30.55 -7.86 -6.61
CA VAL A 149 30.00 -9.01 -7.32
C VAL A 149 29.35 -8.53 -8.60
N ALA A 150 29.77 -9.10 -9.74
CA ALA A 150 29.23 -8.72 -11.03
C ALA A 150 27.91 -9.46 -11.25
N LEU A 151 26.80 -8.76 -11.09
CA LEU A 151 25.49 -9.37 -11.31
C LEU A 151 25.31 -9.65 -12.80
N VAL A 152 24.97 -10.89 -13.13
CA VAL A 152 24.77 -11.33 -14.50
C VAL A 152 23.27 -11.47 -14.74
N TYR A 153 22.82 -10.90 -15.85
CA TYR A 153 21.40 -10.90 -16.22
C TYR A 153 21.21 -11.86 -17.40
N ASP A 154 20.77 -13.08 -17.09
CA ASP A 154 20.36 -14.03 -18.12
C ASP A 154 19.02 -13.57 -18.68
N SER A 155 19.06 -12.91 -19.84
CA SER A 155 17.84 -12.37 -20.43
C SER A 155 16.92 -13.50 -20.90
N SER A 156 17.49 -14.55 -21.48
CA SER A 156 16.67 -15.66 -21.97
C SER A 156 15.89 -16.31 -20.82
N THR A 157 16.59 -16.61 -19.72
CA THR A 157 15.90 -17.10 -18.54
C THR A 157 15.23 -15.96 -17.78
N GLY A 158 15.86 -14.79 -17.77
CA GLY A 158 15.34 -13.66 -17.02
C GLY A 158 15.75 -13.71 -15.56
N GLN A 159 17.01 -14.06 -15.31
CA GLN A 159 17.52 -14.27 -13.96
C GLN A 159 18.67 -13.30 -13.67
N ILE A 160 18.74 -12.85 -12.43
CA ILE A 160 19.87 -12.07 -11.94
C ILE A 160 20.64 -12.95 -10.97
N LYS A 161 21.89 -13.28 -11.32
CA LYS A 161 22.68 -14.19 -10.52
C LYS A 161 24.06 -13.61 -10.25
N ASP A 162 24.63 -13.99 -9.11
CA ASP A 162 25.97 -13.54 -8.77
C ASP A 162 26.99 -14.14 -9.74
N GLY A 163 27.90 -13.30 -10.22
CA GLY A 163 28.91 -13.73 -11.16
C GLY A 163 30.30 -13.64 -10.58
N THR A 164 31.25 -13.11 -11.36
CA THR A 164 32.61 -12.95 -10.88
C THR A 164 32.65 -11.95 -9.72
N SER A 165 32.98 -12.44 -8.53
CA SER A 165 32.99 -11.62 -7.32
C SER A 165 34.43 -11.21 -7.04
N THR A 166 34.83 -10.08 -7.63
CA THR A 166 36.17 -9.57 -7.41
C THR A 166 36.29 -8.99 -6.01
N ILE A 167 37.52 -8.98 -5.49
CA ILE A 167 37.80 -8.51 -4.15
C ILE A 167 38.77 -7.34 -4.22
N ASN A 168 38.40 -6.23 -3.59
CA ASN A 168 39.30 -5.09 -3.52
C ASN A 168 40.48 -5.40 -2.62
N THR A 169 41.66 -4.91 -3.01
CA THR A 169 42.88 -5.13 -2.24
C THR A 169 43.17 -4.01 -1.25
N ASP A 170 42.31 -3.00 -1.16
CA ASP A 170 42.51 -1.86 -0.27
C ASP A 170 41.68 -1.98 1.01
N TYR A 171 41.07 -3.13 1.27
CA TYR A 171 40.27 -3.29 2.47
C TYR A 171 41.15 -3.17 3.71
N VAL A 172 40.85 -2.18 4.56
CA VAL A 172 41.65 -1.96 5.75
C VAL A 172 41.40 -3.05 6.78
N SER A 173 40.16 -3.55 6.85
CA SER A 173 39.78 -4.64 7.75
C SER A 173 39.92 -4.27 9.22
N ILE A 174 39.53 -3.04 9.57
CA ILE A 174 39.45 -2.66 10.97
C ILE A 174 38.35 -3.42 11.67
N SER A 175 37.29 -3.81 10.94
CA SER A 175 36.12 -4.49 11.48
C SER A 175 35.40 -3.61 12.50
N SER A 176 34.94 -2.46 12.02
CA SER A 176 34.20 -1.50 12.83
C SER A 176 32.70 -1.73 12.64
N VAL A 177 31.89 -0.84 13.20
CA VAL A 177 30.44 -0.93 13.11
C VAL A 177 29.89 0.45 12.76
N SER A 178 28.60 0.48 12.39
CA SER A 178 27.94 1.74 12.09
C SER A 178 27.78 2.58 13.35
N ASN A 179 27.41 3.84 13.15
CA ASN A 179 27.14 4.73 14.26
C ASN A 179 25.69 4.58 14.68
N PRO A 180 25.41 4.07 15.89
CA PRO A 180 24.02 3.86 16.30
C PRO A 180 23.32 5.11 16.82
N GLY A 181 23.90 6.29 16.64
CA GLY A 181 23.34 7.54 17.11
C GLY A 181 22.51 8.23 16.04
N VAL A 182 22.51 9.56 16.10
CA VAL A 182 21.77 10.39 15.16
C VAL A 182 22.77 11.13 14.29
N ILE A 183 22.32 11.51 13.09
CA ILE A 183 23.16 12.28 12.18
C ILE A 183 23.38 13.65 12.80
N PRO A 184 24.62 14.08 13.01
CA PRO A 184 24.85 15.39 13.61
C PRO A 184 24.51 16.50 12.64
N PHE A 185 24.17 17.67 13.22
CA PHE A 185 23.90 18.88 12.45
C PHE A 185 22.75 18.71 11.47
N LEU A 186 21.71 17.99 11.89
CA LEU A 186 20.54 17.82 11.04
C LEU A 186 19.79 19.15 10.93
N PRO A 187 19.46 19.59 9.71
CA PRO A 187 18.66 20.81 9.56
C PRO A 187 17.30 20.70 10.24
N GLU A 188 16.75 21.83 10.68
CA GLU A 188 15.46 21.82 11.34
C GLU A 188 14.38 21.34 10.38
N PRO A 189 13.48 20.46 10.81
CA PRO A 189 12.47 19.94 9.89
C PRO A 189 11.51 21.03 9.43
N GLN A 190 10.98 20.85 8.23
CA GLN A 190 10.03 21.79 7.63
C GLN A 190 8.62 21.28 7.87
N ALA A 191 7.72 22.19 8.24
CA ALA A 191 6.34 21.82 8.55
C ALA A 191 5.46 21.93 7.31
N ASN A 192 4.43 21.09 7.27
CA ASN A 192 3.44 21.08 6.17
C ASN A 192 4.12 20.89 4.81
N THR A 193 4.99 19.89 4.73
CA THR A 193 5.74 19.62 3.50
C THR A 193 4.83 19.24 2.35
N GLN A 194 3.97 18.24 2.56
CA GLN A 194 3.05 17.75 1.53
C GLN A 194 3.79 17.41 0.24
N GLN A 195 4.92 16.72 0.39
CA GLN A 195 5.79 16.40 -0.73
C GLN A 195 5.75 14.92 -1.06
N ARG A 196 6.05 14.61 -2.32
CA ARG A 196 6.01 13.24 -2.80
C ARG A 196 7.26 12.46 -2.38
N ILE A 197 7.11 11.14 -2.30
CA ILE A 197 8.22 10.24 -2.02
C ILE A 197 8.55 9.50 -3.31
N ASP A 198 9.76 9.69 -3.82
CA ASP A 198 10.17 9.09 -5.07
C ASP A 198 10.60 7.65 -4.84
N ALA A 199 10.04 6.72 -5.61
CA ALA A 199 10.37 5.32 -5.51
C ALA A 199 10.40 4.71 -6.90
N PHE A 200 11.14 3.61 -7.02
CA PHE A 200 11.22 2.87 -8.29
C PHE A 200 11.25 1.39 -8.00
N GLY A 201 10.91 0.60 -9.02
CA GLY A 201 10.93 -0.84 -8.87
C GLY A 201 9.91 -1.32 -7.86
N SER A 202 10.28 -2.34 -7.10
CA SER A 202 9.40 -2.92 -6.07
C SER A 202 9.54 -2.10 -4.78
N LEU A 203 8.98 -0.89 -4.82
CA LEU A 203 9.01 0.05 -3.70
C LEU A 203 10.43 0.28 -3.20
N ILE A 204 11.38 0.33 -4.12
CA ILE A 204 12.73 0.74 -3.79
C ILE A 204 12.78 2.27 -3.79
N SER A 205 13.22 2.83 -2.67
CA SER A 205 13.24 4.28 -2.54
C SER A 205 14.19 4.91 -3.56
N SER A 206 14.10 6.22 -3.68
CA SER A 206 15.14 6.96 -4.37
C SER A 206 16.40 6.93 -3.52
N CYS A 207 17.44 7.64 -3.97
CA CYS A 207 18.77 7.59 -3.39
C CYS A 207 19.41 6.22 -3.53
N PHE A 208 18.73 5.29 -4.20
CA PHE A 208 19.28 3.98 -4.52
C PHE A 208 19.58 3.80 -6.00
N SER A 209 19.12 4.73 -6.85
CA SER A 209 19.33 4.62 -8.29
C SER A 209 20.78 4.92 -8.64
N ILE A 210 21.14 4.65 -9.90
CA ILE A 210 22.51 4.87 -10.35
C ILE A 210 22.88 6.35 -10.27
N TYR A 211 22.03 7.21 -10.81
CA TYR A 211 22.30 8.65 -10.79
C TYR A 211 22.05 9.29 -9.43
N SER A 212 21.79 8.50 -8.39
CA SER A 212 21.63 9.02 -7.04
C SER A 212 22.97 9.25 -6.35
N VAL A 213 24.07 9.19 -7.10
CA VAL A 213 25.39 9.54 -6.63
C VAL A 213 26.11 10.25 -7.77
N CYS A 214 27.33 10.72 -7.49
CA CYS A 214 28.10 11.44 -8.51
C CYS A 214 28.61 10.49 -9.57
N GLN A 215 27.86 10.33 -10.66
CA GLN A 215 28.28 9.51 -11.78
C GLN A 215 29.03 10.31 -12.83
N THR A 216 30.06 11.04 -12.39
CA THR A 216 30.91 11.84 -13.27
C THR A 216 32.36 11.61 -12.85
N HIS A 217 33.02 10.68 -13.55
CA HIS A 217 34.41 10.35 -13.31
C HIS A 217 35.25 10.81 -14.49
N ARG A 218 36.29 11.58 -14.21
CA ARG A 218 37.14 12.17 -15.23
C ARG A 218 36.33 13.01 -16.22
N GLY A 219 35.32 13.69 -15.70
CA GLY A 219 34.51 14.60 -16.49
C GLY A 219 33.36 13.93 -17.23
N GLN A 220 33.62 12.78 -17.85
CA GLN A 220 32.61 12.10 -18.64
C GLN A 220 31.57 11.43 -17.75
N LYS A 221 30.41 11.16 -18.33
CA LYS A 221 29.29 10.56 -17.63
C LYS A 221 28.91 9.25 -18.31
N THR A 222 28.65 8.22 -17.50
CA THR A 222 28.20 6.93 -18.03
C THR A 222 26.81 7.10 -18.62
N GLU A 223 26.63 6.68 -19.87
CA GLU A 223 25.36 6.86 -20.58
C GLU A 223 24.47 5.66 -20.30
N VAL A 224 23.66 5.76 -19.24
CA VAL A 224 22.67 4.77 -18.89
C VAL A 224 21.33 5.47 -18.70
N TYR A 225 20.30 4.69 -18.37
CA TYR A 225 18.95 5.22 -18.31
C TYR A 225 18.74 6.10 -17.07
N LYS A 226 17.88 7.10 -17.24
CA LYS A 226 17.35 7.89 -16.13
C LYS A 226 16.10 7.16 -15.62
N MET A 227 16.19 6.63 -14.41
CA MET A 227 15.10 5.80 -13.90
C MET A 227 13.87 6.65 -13.64
N PRO A 228 12.69 6.23 -14.10
CA PRO A 228 11.45 6.96 -13.78
C PRO A 228 10.97 6.60 -12.39
N PHE A 229 10.84 7.61 -11.53
CA PHE A 229 10.40 7.40 -10.17
C PHE A 229 8.91 7.73 -10.04
N TYR A 230 8.20 6.88 -9.31
CA TYR A 230 6.80 7.11 -9.02
C TYR A 230 6.64 7.52 -7.56
N ASP A 231 5.53 8.19 -7.27
CA ASP A 231 5.26 8.65 -5.92
C ASP A 231 4.90 7.45 -5.05
N ALA A 232 5.65 7.25 -3.96
CA ALA A 232 5.46 6.09 -3.11
C ALA A 232 4.24 6.21 -2.20
N ARG A 233 3.78 7.43 -1.94
CA ARG A 233 2.67 7.62 -0.99
C ARG A 233 1.40 6.87 -1.42
N PRO A 234 0.92 6.98 -2.67
CA PRO A 234 -0.21 6.13 -3.06
C PRO A 234 0.10 4.65 -2.98
N VAL A 235 1.35 4.24 -3.25
CA VAL A 235 1.70 2.83 -3.18
C VAL A 235 1.73 2.34 -1.74
N ILE A 236 2.30 3.15 -0.83
CA ILE A 236 2.31 2.78 0.58
C ILE A 236 0.89 2.72 1.12
N GLN A 237 0.04 3.66 0.72
CA GLN A 237 -1.36 3.60 1.12
C GLN A 237 -2.05 2.38 0.54
N PHE A 238 -1.71 2.01 -0.69
CA PHE A 238 -2.30 0.84 -1.33
C PHE A 238 -1.94 -0.44 -0.57
N ILE A 239 -0.68 -0.58 -0.17
CA ILE A 239 -0.29 -1.78 0.56
C ILE A 239 -0.83 -1.75 1.98
N ILE A 240 -0.90 -0.57 2.60
CA ILE A 240 -1.41 -0.47 3.96
C ILE A 240 -2.91 -0.76 4.00
N SER A 241 -3.67 -0.15 3.08
CA SER A 241 -5.11 -0.35 3.04
C SER A 241 -5.50 -1.71 2.48
N GLY A 242 -4.60 -2.39 1.79
CA GLY A 242 -4.91 -3.73 1.30
C GLY A 242 -5.84 -3.79 0.11
N ASN A 243 -6.96 -3.07 0.18
CA ASN A 243 -8.00 -3.10 -0.85
C ASN A 243 -8.44 -4.54 -1.12
N GLU B 1 -27.74 8.55 -15.83
CA GLU B 1 -27.60 7.10 -15.86
C GLU B 1 -26.19 6.69 -16.25
N TRP B 2 -25.42 7.65 -16.75
CA TRP B 2 -24.02 7.42 -17.12
C TRP B 2 -23.22 8.66 -16.75
N THR B 3 -21.95 8.43 -16.38
CA THR B 3 -21.08 9.52 -15.97
C THR B 3 -20.87 10.52 -17.11
N GLY B 4 -20.77 10.04 -18.35
CA GLY B 4 -20.51 10.92 -19.47
C GLY B 4 -21.77 11.44 -20.15
N ASP B 5 -22.90 11.37 -19.44
CA ASP B 5 -24.16 11.80 -20.01
C ASP B 5 -24.18 13.33 -20.13
N SER B 6 -25.20 13.82 -20.84
CA SER B 6 -25.31 15.26 -21.08
C SER B 6 -25.71 16.04 -19.83
N SER B 7 -26.35 15.38 -18.86
CA SER B 7 -26.75 16.04 -17.62
C SER B 7 -25.59 16.20 -16.64
N ILE B 8 -24.42 15.68 -16.95
CA ILE B 8 -23.27 15.70 -16.06
C ILE B 8 -22.33 16.82 -16.50
N ASN B 9 -21.89 17.63 -15.55
CA ASN B 9 -20.90 18.67 -15.81
C ASN B 9 -19.54 18.16 -15.34
N TYR B 10 -18.55 18.24 -16.22
CA TYR B 10 -17.20 17.81 -15.90
C TYR B 10 -16.30 19.03 -15.77
N TYR B 11 -15.46 19.02 -14.75
CA TYR B 11 -14.51 20.09 -14.47
C TYR B 11 -13.12 19.48 -14.48
N SER B 12 -12.29 19.92 -15.43
CA SER B 12 -10.97 19.36 -15.65
C SER B 12 -9.90 20.15 -14.90
N ASP B 13 -8.77 19.49 -14.65
CA ASP B 13 -7.63 20.08 -13.95
C ASP B 13 -8.04 20.64 -12.59
N GLU B 14 -8.66 19.76 -11.79
CA GLU B 14 -9.15 20.11 -10.47
C GLU B 14 -8.55 19.14 -9.46
N VAL B 15 -7.64 19.64 -8.63
CA VAL B 15 -7.05 18.82 -7.58
C VAL B 15 -8.00 18.79 -6.39
N ILE B 16 -8.15 17.61 -5.78
CA ILE B 16 -9.01 17.45 -4.62
C ILE B 16 -8.33 18.10 -3.42
N SER B 17 -8.86 19.23 -2.97
CA SER B 17 -8.23 20.02 -1.92
C SER B 17 -8.69 19.63 -0.53
N ASP B 18 -9.96 19.32 -0.33
CA ASP B 18 -10.46 18.94 0.98
C ASP B 18 -11.36 17.72 0.88
N PHE B 19 -11.31 16.89 1.93
CA PHE B 19 -12.08 15.66 2.02
C PHE B 19 -12.93 15.69 3.29
N HIS B 20 -14.15 15.17 3.20
CA HIS B 20 -15.06 15.09 4.34
C HIS B 20 -15.84 13.80 4.24
N VAL B 21 -16.05 13.15 5.38
CA VAL B 21 -16.89 11.95 5.44
C VAL B 21 -17.85 12.07 6.61
N GLY B 22 -18.99 11.39 6.49
CA GLY B 22 -19.98 11.43 7.54
C GLY B 22 -21.14 10.53 7.21
N GLN B 23 -22.23 10.72 7.92
CA GLN B 23 -23.46 9.97 7.69
C GLN B 23 -24.62 10.93 7.53
N PHE B 24 -25.43 10.72 6.49
CA PHE B 24 -26.70 11.41 6.31
C PHE B 24 -27.79 10.36 6.31
N ASN B 25 -28.73 10.47 7.26
CA ASN B 25 -29.80 9.51 7.46
C ASN B 25 -29.16 8.13 7.64
N ARG B 26 -29.45 7.16 6.79
CA ARG B 26 -28.85 5.83 6.89
C ARG B 26 -27.79 5.57 5.84
N SER B 27 -27.18 6.61 5.28
CA SER B 27 -26.22 6.48 4.20
C SER B 27 -24.92 7.18 4.55
N ALA B 28 -23.81 6.45 4.44
CA ALA B 28 -22.50 7.07 4.56
C ALA B 28 -22.24 7.95 3.34
N TYR B 29 -21.77 9.17 3.59
CA TYR B 29 -21.52 10.12 2.52
C TYR B 29 -20.10 10.64 2.62
N PHE B 30 -19.54 10.98 1.46
CA PHE B 30 -18.24 11.63 1.39
C PHE B 30 -18.31 12.78 0.40
N CYS B 31 -17.68 13.89 0.76
CA CYS B 31 -17.65 15.10 -0.04
C CYS B 31 -16.21 15.51 -0.32
N ILE B 32 -15.97 15.99 -1.52
CA ILE B 32 -14.66 16.47 -1.94
C ILE B 32 -14.81 17.91 -2.43
N LYS B 33 -13.95 18.80 -1.93
CA LYS B 33 -13.87 20.16 -2.42
C LYS B 33 -12.60 20.30 -3.25
N THR B 34 -12.75 20.70 -4.51
CA THR B 34 -11.65 20.81 -5.46
C THR B 34 -11.53 22.26 -5.89
N VAL B 35 -10.30 22.76 -5.91
CA VAL B 35 -10.03 24.10 -6.38
C VAL B 35 -9.11 24.02 -7.61
N LYS B 36 -9.17 25.05 -8.44
CA LYS B 36 -8.31 25.12 -9.61
C LYS B 36 -6.85 25.21 -9.19
N LYS B 37 -5.98 24.54 -9.93
CA LYS B 37 -4.56 24.56 -9.61
C LYS B 37 -3.98 25.96 -9.76
N SER B 38 -4.30 26.64 -10.87
CA SER B 38 -3.76 27.97 -11.13
C SER B 38 -4.71 29.07 -10.66
N GLY B 39 -5.16 28.95 -9.41
CA GLY B 39 -5.97 29.97 -8.74
C GLY B 39 -7.04 30.62 -9.60
N GLU B 40 -8.00 29.83 -10.06
CA GLU B 40 -9.05 30.34 -10.93
C GLU B 40 -10.41 29.85 -10.45
N GLY B 41 -11.44 30.62 -10.78
CA GLY B 41 -12.82 30.27 -10.53
C GLY B 41 -13.16 30.15 -9.05
N THR B 42 -14.08 29.25 -8.75
CA THR B 42 -14.62 29.03 -7.43
C THR B 42 -14.52 27.54 -7.10
N PRO B 43 -14.14 27.18 -5.87
CA PRO B 43 -13.83 25.78 -5.60
C PRO B 43 -15.08 24.92 -5.36
N ILE B 44 -15.27 23.95 -6.23
CA ILE B 44 -16.53 23.23 -6.35
C ILE B 44 -16.52 22.02 -5.42
N ILE B 45 -17.69 21.68 -4.91
CA ILE B 45 -17.84 20.59 -3.94
C ILE B 45 -18.73 19.53 -4.57
N ALA B 46 -18.34 18.27 -4.41
CA ALA B 46 -19.10 17.14 -4.93
C ALA B 46 -19.27 16.10 -3.83
N CYS B 47 -20.50 15.65 -3.61
CA CYS B 47 -20.82 14.73 -2.53
C CYS B 47 -21.43 13.46 -3.11
N ALA B 48 -21.13 12.33 -2.48
CA ALA B 48 -21.69 11.04 -2.86
C ALA B 48 -22.20 10.34 -1.61
N LEU B 49 -23.42 9.80 -1.70
CA LEU B 49 -24.07 9.12 -0.59
C LEU B 49 -24.17 7.63 -0.89
N SER B 50 -23.92 6.81 0.13
CA SER B 50 -23.82 5.37 -0.08
C SER B 50 -25.17 4.71 -0.30
N HIS B 51 -26.28 5.37 0.06
CA HIS B 51 -27.58 4.74 -0.09
C HIS B 51 -28.64 5.71 -0.59
N ASP B 52 -28.25 6.78 -1.27
CA ASP B 52 -29.19 7.75 -1.81
C ASP B 52 -28.88 8.01 -3.27
N SER B 53 -29.88 8.51 -3.99
CA SER B 53 -29.77 8.84 -5.41
C SER B 53 -29.55 7.61 -6.25
N LYS B 54 -29.33 7.79 -7.55
CA LYS B 54 -29.11 6.70 -8.49
C LYS B 54 -27.63 6.36 -8.67
N TRP B 55 -26.75 7.03 -7.94
CA TRP B 55 -25.31 6.80 -8.05
C TRP B 55 -24.79 5.88 -6.94
N ILE B 56 -25.65 5.03 -6.38
CA ILE B 56 -25.21 4.09 -5.36
C ILE B 56 -24.15 3.12 -5.87
N PRO B 57 -24.29 2.50 -7.06
CA PRO B 57 -23.27 1.51 -7.47
C PRO B 57 -21.85 2.04 -7.49
N SER B 58 -21.65 3.30 -7.87
CA SER B 58 -20.31 3.85 -8.01
C SER B 58 -19.81 4.53 -6.75
N PHE B 59 -20.54 4.45 -5.64
CA PHE B 59 -20.12 5.14 -4.43
C PHE B 59 -18.78 4.63 -3.93
N ASN B 60 -18.59 3.30 -3.92
CA ASN B 60 -17.36 2.75 -3.38
C ASN B 60 -16.18 3.05 -4.30
N ILE B 61 -16.35 2.86 -5.61
CA ILE B 61 -15.27 3.13 -6.55
C ILE B 61 -14.93 4.62 -6.54
N MET B 62 -15.95 5.48 -6.45
CA MET B 62 -15.71 6.92 -6.36
C MET B 62 -14.98 7.27 -5.08
N LEU B 63 -15.33 6.62 -3.96
CA LEU B 63 -14.67 6.91 -2.69
C LEU B 63 -13.19 6.53 -2.74
N GLU B 64 -12.89 5.32 -3.23
CA GLU B 64 -11.49 4.91 -3.31
C GLU B 64 -10.69 5.77 -4.29
N GLN B 65 -11.28 6.12 -5.44
CA GLN B 65 -10.54 6.98 -6.37
C GLN B 65 -10.36 8.39 -5.81
N ALA B 66 -11.37 8.91 -5.10
CA ALA B 66 -11.22 10.23 -4.49
C ALA B 66 -10.15 10.22 -3.43
N ARG B 67 -10.09 9.16 -2.63
CA ARG B 67 -9.03 9.04 -1.63
C ARG B 67 -7.65 8.96 -2.29
N ASN B 68 -7.54 8.18 -3.36
CA ASN B 68 -6.26 8.10 -4.06
C ASN B 68 -5.85 9.45 -4.61
N PHE B 69 -6.79 10.16 -5.25
CA PHE B 69 -6.47 11.46 -5.82
C PHE B 69 -6.13 12.48 -4.74
N TYR B 70 -6.74 12.36 -3.56
CA TYR B 70 -6.40 13.26 -2.46
C TYR B 70 -5.01 12.97 -1.91
N ILE B 71 -4.64 11.70 -1.81
CA ILE B 71 -3.29 11.36 -1.34
C ILE B 71 -2.24 11.83 -2.33
N THR B 72 -2.43 11.54 -3.62
CA THR B 72 -1.46 12.00 -4.61
C THR B 72 -1.56 13.48 -4.92
N GLY B 73 -2.72 14.10 -4.74
CA GLY B 73 -2.88 15.50 -5.08
C GLY B 73 -2.67 15.78 -6.55
N HIS B 74 -3.12 14.88 -7.42
CA HIS B 74 -2.91 15.00 -8.84
C HIS B 74 -4.03 15.78 -9.50
N SER B 75 -3.70 16.45 -10.60
CA SER B 75 -4.70 17.15 -11.38
C SER B 75 -5.65 16.14 -12.03
N ILE B 76 -6.92 16.21 -11.66
CA ILE B 76 -7.91 15.25 -12.12
C ILE B 76 -9.17 15.99 -12.54
N ARG B 77 -10.00 15.31 -13.33
CA ARG B 77 -11.26 15.84 -13.81
C ARG B 77 -12.40 15.17 -13.05
N VAL B 78 -13.30 15.98 -12.52
CA VAL B 78 -14.46 15.49 -11.77
C VAL B 78 -15.68 15.55 -12.67
N TYR B 79 -16.61 14.63 -12.44
CA TYR B 79 -17.90 14.58 -13.14
C TYR B 79 -18.97 14.65 -12.08
N VAL B 80 -19.77 15.73 -12.10
CA VAL B 80 -20.76 15.99 -11.08
C VAL B 80 -22.13 16.14 -11.73
N GLN B 81 -23.16 15.64 -11.05
CA GLN B 81 -24.54 15.86 -11.48
C GLN B 81 -25.15 16.95 -10.62
N PRO B 82 -25.50 18.11 -11.18
CA PRO B 82 -26.05 19.17 -10.35
C PRO B 82 -27.45 18.84 -9.84
N ASN B 83 -27.77 19.41 -8.68
CA ASN B 83 -29.11 19.34 -8.09
C ASN B 83 -29.56 17.90 -7.87
N VAL B 84 -28.82 17.21 -7.01
CA VAL B 84 -29.12 15.84 -6.64
C VAL B 84 -29.60 15.73 -5.20
N TRP B 85 -28.92 16.40 -4.27
CA TRP B 85 -29.31 16.40 -2.88
C TRP B 85 -30.33 17.50 -2.62
N SER B 86 -31.35 17.19 -1.84
CA SER B 86 -32.49 18.07 -1.68
C SER B 86 -32.64 18.68 -0.30
N ASN B 87 -32.13 18.04 0.76
CA ASN B 87 -32.31 18.56 2.10
C ASN B 87 -31.55 19.88 2.26
N LYS B 88 -32.22 20.88 2.84
CA LYS B 88 -31.71 22.24 2.79
C LYS B 88 -30.40 22.38 3.56
N SER B 89 -30.31 21.78 4.74
CA SER B 89 -29.11 21.94 5.55
C SER B 89 -27.89 21.34 4.87
N PHE B 90 -28.08 20.30 4.07
CA PHE B 90 -26.98 19.70 3.33
C PHE B 90 -26.46 20.65 2.25
N ILE B 91 -27.36 21.39 1.60
CA ILE B 91 -26.96 22.32 0.56
C ILE B 91 -26.27 23.55 1.15
N GLU B 92 -26.68 23.98 2.36
CA GLU B 92 -26.02 25.13 2.96
C GLU B 92 -24.59 24.79 3.41
N ALA B 93 -24.37 23.58 3.91
CA ALA B 93 -23.06 23.17 4.39
C ALA B 93 -22.22 22.46 3.35
N LEU B 94 -22.84 21.85 2.36
CA LEU B 94 -22.15 21.08 1.33
C LEU B 94 -22.84 21.42 0.00
N SER B 95 -22.59 20.62 -1.03
CA SER B 95 -23.18 20.90 -2.33
C SER B 95 -24.42 20.06 -2.57
N SER B 96 -25.19 20.45 -3.58
CA SER B 96 -26.21 19.60 -4.16
C SER B 96 -25.66 18.75 -5.30
N ASN B 97 -24.41 18.98 -5.70
CA ASN B 97 -23.79 18.22 -6.78
C ASN B 97 -23.43 16.83 -6.30
N ALA B 98 -23.76 15.82 -7.10
CA ALA B 98 -23.38 14.45 -6.80
C ALA B 98 -22.10 14.10 -7.56
N LEU B 99 -21.12 13.56 -6.86
CA LEU B 99 -19.88 13.11 -7.49
C LEU B 99 -20.17 11.82 -8.23
N VAL B 100 -20.23 11.89 -9.57
CA VAL B 100 -20.59 10.73 -10.37
C VAL B 100 -19.42 10.16 -11.15
N GLY B 101 -18.30 10.87 -11.24
CA GLY B 101 -17.17 10.33 -11.96
C GLY B 101 -15.87 11.02 -11.63
N LEU B 102 -14.78 10.30 -11.85
CA LEU B 102 -13.44 10.83 -11.66
C LEU B 102 -12.54 10.28 -12.76
N SER B 103 -11.70 11.14 -13.33
CA SER B 103 -10.75 10.73 -14.35
C SER B 103 -9.44 11.46 -14.12
N SER B 104 -8.36 10.90 -14.65
CA SER B 104 -7.04 11.48 -14.49
C SER B 104 -6.73 12.42 -15.65
N CYS B 105 -6.11 13.56 -15.33
CA CYS B 105 -5.65 14.53 -16.32
C CYS B 105 -4.14 14.35 -16.47
N SER B 106 -3.69 14.12 -17.71
CA SER B 106 -2.29 13.91 -18.01
C SER B 106 -1.83 15.06 -18.92
N THR B 107 -1.39 16.15 -18.31
CA THR B 107 -0.81 17.31 -19.00
C THR B 107 -1.88 17.91 -19.91
N SER B 108 -1.72 17.87 -21.23
CA SER B 108 -2.64 18.57 -22.13
C SER B 108 -4.04 18.00 -22.06
N GLU B 109 -4.19 16.72 -22.40
CA GLU B 109 -5.50 16.09 -22.51
C GLU B 109 -5.87 15.38 -21.22
N CYS B 110 -7.16 15.11 -21.07
CA CYS B 110 -7.70 14.39 -19.93
C CYS B 110 -8.51 13.19 -20.40
N PHE B 111 -8.39 12.08 -19.68
CA PHE B 111 -9.15 10.89 -19.99
C PHE B 111 -10.61 11.07 -19.56
N GLY B 112 -11.46 10.18 -20.07
CA GLY B 112 -12.85 10.20 -19.73
C GLY B 112 -13.71 10.80 -20.82
N PRO B 113 -15.01 10.51 -20.80
CA PRO B 113 -15.92 11.07 -21.79
C PRO B 113 -15.98 12.59 -21.71
N VAL B 114 -16.16 13.21 -22.87
CA VAL B 114 -16.15 14.66 -22.99
C VAL B 114 -17.47 15.15 -23.56
N LYS B 115 -17.65 16.47 -23.63
CA LYS B 115 -18.86 17.09 -24.16
C LYS B 115 -20.11 16.59 -23.47
N GLU C 1 -14.40 -17.64 -20.86
CA GLU C 1 -14.38 -18.25 -19.54
C GLU C 1 -12.96 -18.30 -18.98
N TRP C 2 -12.06 -17.51 -19.58
CA TRP C 2 -10.67 -17.43 -19.14
C TRP C 2 -10.01 -16.30 -19.89
N THR C 3 -8.99 -15.70 -19.28
CA THR C 3 -8.20 -14.71 -20.01
C THR C 3 -7.07 -15.40 -20.77
N GLY C 4 -7.41 -16.48 -21.48
CA GLY C 4 -6.41 -17.19 -22.25
C GLY C 4 -6.95 -17.78 -23.53
N ASP C 5 -8.21 -17.46 -23.86
CA ASP C 5 -8.79 -17.98 -25.09
C ASP C 5 -8.26 -17.21 -26.30
N SER C 6 -8.56 -17.74 -27.48
CA SER C 6 -8.18 -17.06 -28.72
C SER C 6 -8.93 -15.74 -28.88
N SER C 7 -10.12 -15.62 -28.27
CA SER C 7 -10.90 -14.41 -28.37
C SER C 7 -10.34 -13.28 -27.52
N ILE C 8 -9.41 -13.56 -26.62
CA ILE C 8 -8.81 -12.54 -25.77
C ILE C 8 -7.52 -12.07 -26.42
N ASN C 9 -7.41 -10.76 -26.64
CA ASN C 9 -6.18 -10.17 -27.13
C ASN C 9 -5.36 -9.69 -25.95
N TYR C 10 -4.04 -9.58 -26.15
CA TYR C 10 -3.19 -9.06 -25.10
C TYR C 10 -2.15 -8.13 -25.71
N TYR C 11 -1.89 -7.03 -25.01
CA TYR C 11 -0.87 -6.05 -25.39
C TYR C 11 0.15 -5.99 -24.27
N SER C 12 1.39 -6.36 -24.59
CA SER C 12 2.47 -6.37 -23.61
C SER C 12 3.22 -5.05 -23.65
N ASP C 13 4.10 -4.86 -22.66
CA ASP C 13 4.95 -3.69 -22.51
C ASP C 13 4.15 -2.40 -22.29
N GLU C 14 2.84 -2.50 -22.11
CA GLU C 14 2.02 -1.32 -21.92
C GLU C 14 2.20 -0.77 -20.50
N VAL C 15 1.94 0.53 -20.36
CA VAL C 15 1.97 1.22 -19.07
C VAL C 15 0.66 1.97 -18.95
N ILE C 16 -0.08 1.73 -17.87
CA ILE C 16 -1.35 2.41 -17.65
C ILE C 16 -1.07 3.89 -17.47
N SER C 17 -1.49 4.70 -18.43
CA SER C 17 -1.23 6.13 -18.41
C SER C 17 -2.34 6.92 -17.74
N ASP C 18 -3.59 6.53 -17.96
CA ASP C 18 -4.73 7.30 -17.47
C ASP C 18 -5.75 6.37 -16.84
N PHE C 19 -6.44 6.89 -15.83
CA PHE C 19 -7.47 6.14 -15.11
C PHE C 19 -8.75 6.96 -15.04
N HIS C 20 -9.89 6.29 -15.20
CA HIS C 20 -11.19 6.93 -15.14
C HIS C 20 -12.16 6.00 -14.44
N VAL C 21 -13.01 6.55 -13.57
CA VAL C 21 -14.03 5.76 -12.87
C VAL C 21 -15.36 6.47 -13.00
N GLY C 22 -16.43 5.69 -13.12
CA GLY C 22 -17.75 6.26 -13.18
C GLY C 22 -18.80 5.19 -13.01
N GLN C 23 -20.04 5.56 -13.33
CA GLN C 23 -21.15 4.62 -13.34
C GLN C 23 -21.84 4.66 -14.69
N PHE C 24 -22.24 3.48 -15.17
CA PHE C 24 -22.94 3.34 -16.45
C PHE C 24 -24.08 2.35 -16.25
N ASN C 25 -25.32 2.85 -16.21
CA ASN C 25 -26.50 2.01 -16.10
C ASN C 25 -26.41 1.11 -14.87
N ARG C 26 -26.46 1.75 -13.71
CA ARG C 26 -26.37 1.14 -12.37
C ARG C 26 -25.24 0.12 -12.29
N SER C 27 -24.18 0.32 -13.08
CA SER C 27 -22.99 -0.53 -13.05
C SER C 27 -21.78 0.37 -12.94
N ALA C 28 -21.03 0.24 -11.84
CA ALA C 28 -19.77 0.96 -11.72
C ALA C 28 -18.78 0.44 -12.75
N TYR C 29 -17.95 1.34 -13.27
CA TYR C 29 -17.00 0.97 -14.30
C TYR C 29 -15.71 1.76 -14.12
N PHE C 30 -14.62 1.16 -14.57
CA PHE C 30 -13.33 1.82 -14.60
C PHE C 30 -12.66 1.56 -15.94
N CYS C 31 -12.02 2.59 -16.48
CA CYS C 31 -11.32 2.53 -17.75
C CYS C 31 -9.86 2.93 -17.55
N ILE C 32 -8.97 2.20 -18.20
CA ILE C 32 -7.54 2.47 -18.15
C ILE C 32 -7.05 2.72 -19.57
N LYS C 33 -6.23 3.75 -19.72
CA LYS C 33 -5.63 4.12 -21.00
C LYS C 33 -4.12 3.93 -20.92
N THR C 34 -3.58 3.16 -21.85
CA THR C 34 -2.14 2.96 -22.01
C THR C 34 -1.68 3.73 -23.23
N VAL C 35 -0.71 4.62 -23.03
CA VAL C 35 -0.25 5.52 -24.08
C VAL C 35 1.10 5.05 -24.61
N LYS C 36 1.84 4.30 -23.78
CA LYS C 36 3.17 3.85 -24.15
C LYS C 36 3.10 2.90 -25.35
N LYS C 37 4.16 2.91 -26.16
CA LYS C 37 4.25 2.11 -27.38
C LYS C 37 3.22 2.58 -28.42
N SER C 38 3.14 3.90 -28.59
CA SER C 38 2.20 4.47 -29.54
C SER C 38 2.56 4.09 -30.98
N GLY C 39 3.73 4.53 -31.43
CA GLY C 39 4.11 4.29 -32.81
C GLY C 39 3.10 4.86 -33.76
N GLU C 40 2.67 4.05 -34.72
CA GLU C 40 1.55 4.40 -35.59
C GLU C 40 0.22 3.96 -35.01
N GLY C 41 0.23 3.18 -33.92
CA GLY C 41 -1.02 2.73 -33.34
C GLY C 41 -1.54 3.67 -32.28
N THR C 42 -2.84 3.57 -32.00
CA THR C 42 -3.48 4.42 -31.02
C THR C 42 -3.30 3.86 -29.61
N PRO C 43 -3.31 4.71 -28.59
CA PRO C 43 -3.33 4.24 -27.21
C PRO C 43 -4.47 3.25 -26.99
N ILE C 44 -4.22 2.28 -26.10
CA ILE C 44 -5.17 1.19 -25.85
C ILE C 44 -6.00 1.53 -24.63
N ILE C 45 -7.32 1.46 -24.75
CA ILE C 45 -8.23 1.77 -23.67
C ILE C 45 -9.03 0.51 -23.34
N ALA C 46 -9.07 0.16 -22.05
CA ALA C 46 -9.79 -1.02 -21.58
C ALA C 46 -10.75 -0.62 -20.48
N CYS C 47 -12.00 -1.01 -20.60
CA CYS C 47 -13.05 -0.64 -19.65
C CYS C 47 -13.69 -1.88 -19.06
N ALA C 48 -13.85 -1.91 -17.74
CA ALA C 48 -14.48 -3.01 -17.04
C ALA C 48 -15.63 -2.49 -16.20
N LEU C 49 -16.77 -3.16 -16.28
CA LEU C 49 -17.99 -2.77 -15.60
C LEU C 49 -18.29 -3.73 -14.45
N SER C 50 -18.89 -3.19 -13.39
CA SER C 50 -19.08 -3.96 -12.17
C SER C 50 -20.22 -4.96 -12.26
N HIS C 51 -21.22 -4.72 -13.09
CA HIS C 51 -22.39 -5.58 -13.16
C HIS C 51 -22.82 -5.90 -14.59
N ASP C 52 -21.87 -5.87 -15.53
CA ASP C 52 -22.17 -6.14 -16.93
C ASP C 52 -21.19 -7.17 -17.47
N SER C 53 -21.63 -7.90 -18.50
CA SER C 53 -20.82 -8.89 -19.20
C SER C 53 -20.51 -10.09 -18.31
N LYS C 54 -19.68 -11.00 -18.80
CA LYS C 54 -19.31 -12.20 -18.07
C LYS C 54 -18.09 -12.02 -17.17
N TRP C 55 -17.52 -10.81 -17.14
CA TRP C 55 -16.33 -10.53 -16.34
C TRP C 55 -16.68 -9.86 -15.01
N ILE C 56 -17.91 -10.04 -14.53
CA ILE C 56 -18.28 -9.50 -13.22
C ILE C 56 -17.44 -10.10 -12.09
N PRO C 57 -17.21 -11.41 -12.02
CA PRO C 57 -16.45 -11.95 -10.86
C PRO C 57 -15.09 -11.33 -10.68
N SER C 58 -14.42 -10.93 -11.76
CA SER C 58 -13.07 -10.42 -11.69
C SER C 58 -13.00 -8.90 -11.79
N PHE C 59 -14.13 -8.21 -11.57
CA PHE C 59 -14.13 -6.75 -11.66
C PHE C 59 -13.28 -6.13 -10.55
N ASN C 60 -13.46 -6.61 -9.31
CA ASN C 60 -12.74 -6.02 -8.18
C ASN C 60 -11.24 -6.25 -8.28
N ILE C 61 -10.84 -7.49 -8.58
CA ILE C 61 -9.41 -7.80 -8.65
C ILE C 61 -8.76 -7.02 -9.79
N MET C 62 -9.46 -6.90 -10.92
CA MET C 62 -8.94 -6.10 -12.02
C MET C 62 -8.84 -4.64 -11.64
N LEU C 63 -9.80 -4.12 -10.90
CA LEU C 63 -9.75 -2.72 -10.48
C LEU C 63 -8.56 -2.47 -9.56
N GLU C 64 -8.37 -3.33 -8.56
CA GLU C 64 -7.23 -3.16 -7.67
C GLU C 64 -5.91 -3.29 -8.41
N GLN C 65 -5.80 -4.26 -9.33
CA GLN C 65 -4.55 -4.44 -10.05
C GLN C 65 -4.28 -3.28 -10.99
N ALA C 66 -5.32 -2.74 -11.62
CA ALA C 66 -5.15 -1.58 -12.49
C ALA C 66 -4.71 -0.35 -11.69
N ARG C 67 -5.30 -0.14 -10.51
CA ARG C 67 -4.86 0.95 -9.66
C ARG C 67 -3.40 0.76 -9.24
N ASN C 68 -3.04 -0.46 -8.86
CA ASN C 68 -1.67 -0.74 -8.43
C ASN C 68 -0.68 -0.50 -9.55
N PHE C 69 -1.01 -0.92 -10.76
CA PHE C 69 -0.12 -0.72 -11.90
C PHE C 69 -0.10 0.74 -12.35
N TYR C 70 -1.17 1.49 -12.11
CA TYR C 70 -1.18 2.90 -12.46
C TYR C 70 -0.34 3.73 -11.50
N ILE C 71 -0.44 3.46 -10.19
CA ILE C 71 0.32 4.25 -9.22
C ILE C 71 1.80 3.94 -9.25
N THR C 72 2.20 2.82 -9.84
CA THR C 72 3.61 2.48 -9.98
C THR C 72 4.15 2.68 -11.39
N GLY C 73 3.28 2.74 -12.39
CA GLY C 73 3.74 2.95 -13.76
C GLY C 73 4.62 1.83 -14.28
N HIS C 74 4.34 0.60 -13.88
CA HIS C 74 5.15 -0.53 -14.30
C HIS C 74 4.68 -1.06 -15.65
N SER C 75 5.63 -1.50 -16.47
CA SER C 75 5.29 -2.09 -17.75
C SER C 75 4.51 -3.38 -17.52
N ILE C 76 3.28 -3.43 -18.05
CA ILE C 76 2.36 -4.52 -17.79
C ILE C 76 1.68 -4.93 -19.08
N ARG C 77 1.14 -6.16 -19.07
CA ARG C 77 0.39 -6.71 -20.18
C ARG C 77 -1.10 -6.63 -19.87
N VAL C 78 -1.87 -6.15 -20.86
CA VAL C 78 -3.30 -5.94 -20.74
C VAL C 78 -4.01 -6.99 -21.59
N TYR C 79 -4.87 -7.78 -20.97
CA TYR C 79 -5.72 -8.74 -21.66
C TYR C 79 -7.11 -8.16 -21.80
N VAL C 80 -7.56 -7.99 -23.04
CA VAL C 80 -8.83 -7.34 -23.34
C VAL C 80 -9.67 -8.25 -24.23
N GLN C 81 -10.99 -8.20 -24.03
CA GLN C 81 -11.92 -8.84 -24.94
C GLN C 81 -12.56 -7.77 -25.80
N PRO C 82 -12.27 -7.72 -27.10
CA PRO C 82 -12.84 -6.68 -27.95
C PRO C 82 -14.33 -6.88 -28.18
N ASN C 83 -14.97 -5.81 -28.65
CA ASN C 83 -16.36 -5.83 -29.11
C ASN C 83 -17.34 -6.15 -27.99
N VAL C 84 -17.15 -5.51 -26.84
CA VAL C 84 -18.13 -5.52 -25.76
C VAL C 84 -18.55 -4.07 -25.51
N TRP C 85 -19.44 -3.86 -24.54
CA TRP C 85 -19.97 -2.53 -24.22
C TRP C 85 -20.62 -1.92 -25.46
N SER C 86 -21.71 -2.56 -25.89
CA SER C 86 -22.36 -2.24 -27.15
C SER C 86 -23.01 -0.86 -27.18
N ASN C 87 -22.85 -0.05 -26.14
CA ASN C 87 -23.37 1.32 -26.15
C ASN C 87 -22.54 2.18 -27.08
N LYS C 88 -23.20 2.83 -28.03
CA LYS C 88 -22.48 3.61 -29.05
C LYS C 88 -21.74 4.78 -28.40
N SER C 89 -22.40 5.50 -27.51
CA SER C 89 -21.75 6.64 -26.86
C SER C 89 -20.60 6.19 -25.97
N PHE C 90 -20.77 5.06 -25.28
CA PHE C 90 -19.69 4.54 -24.45
C PHE C 90 -18.48 4.16 -25.30
N ILE C 91 -18.72 3.55 -26.46
CA ILE C 91 -17.62 3.19 -27.35
C ILE C 91 -16.92 4.42 -27.88
N GLU C 92 -17.69 5.39 -28.39
CA GLU C 92 -17.10 6.60 -28.94
C GLU C 92 -16.43 7.46 -27.87
N ALA C 93 -16.78 7.26 -26.60
CA ALA C 93 -16.21 8.02 -25.51
C ALA C 93 -14.96 7.37 -24.92
N LEU C 94 -15.05 6.11 -24.50
CA LEU C 94 -13.93 5.45 -23.85
C LEU C 94 -13.38 4.28 -24.66
N SER C 95 -14.20 3.26 -24.93
CA SER C 95 -13.73 2.05 -25.61
C SER C 95 -14.84 1.03 -25.82
N SER C 96 -14.52 -0.04 -26.54
CA SER C 96 -15.42 -1.19 -26.69
C SER C 96 -14.78 -2.47 -26.20
N ASN C 97 -13.64 -2.37 -25.50
CA ASN C 97 -12.92 -3.52 -24.97
C ASN C 97 -13.19 -3.68 -23.49
N ALA C 98 -13.18 -4.92 -23.03
CA ALA C 98 -13.33 -5.24 -21.62
C ALA C 98 -11.97 -5.59 -21.03
N LEU C 99 -11.63 -4.98 -19.91
CA LEU C 99 -10.42 -5.33 -19.18
C LEU C 99 -10.62 -6.68 -18.51
N VAL C 100 -10.07 -7.74 -19.10
CA VAL C 100 -10.22 -9.08 -18.57
C VAL C 100 -8.99 -9.57 -17.83
N GLY C 101 -7.83 -8.95 -18.04
CA GLY C 101 -6.64 -9.42 -17.36
C GLY C 101 -5.50 -8.42 -17.28
N LEU C 102 -4.69 -8.53 -16.24
CA LEU C 102 -3.50 -7.71 -16.08
C LEU C 102 -2.35 -8.60 -15.63
N SER C 103 -1.19 -8.44 -16.26
CA SER C 103 -0.02 -9.23 -15.93
C SER C 103 1.20 -8.34 -15.82
N SER C 104 2.17 -8.77 -15.02
CA SER C 104 3.43 -8.07 -14.91
C SER C 104 4.34 -8.42 -16.07
N CYS C 105 5.02 -7.41 -16.61
CA CYS C 105 5.93 -7.58 -17.74
C CYS C 105 7.34 -7.24 -17.30
N SER C 106 8.30 -8.10 -17.64
CA SER C 106 9.71 -7.90 -17.31
C SER C 106 10.54 -8.10 -18.57
N THR C 107 10.66 -7.04 -19.37
CA THR C 107 11.51 -7.01 -20.56
C THR C 107 11.41 -8.26 -21.42
N SER C 108 12.09 -9.33 -20.99
CA SER C 108 12.23 -10.54 -21.80
C SER C 108 10.90 -11.26 -21.97
N GLU C 109 10.30 -11.67 -20.86
CA GLU C 109 9.06 -12.43 -20.89
C GLU C 109 8.01 -11.67 -20.09
N CYS C 110 6.75 -12.07 -20.29
CA CYS C 110 5.62 -11.52 -19.56
C CYS C 110 4.83 -12.68 -18.96
N PHE C 111 4.42 -12.51 -17.71
CA PHE C 111 3.66 -13.54 -17.03
C PHE C 111 2.27 -13.65 -17.62
N GLY C 112 1.66 -14.82 -17.45
CA GLY C 112 0.31 -15.04 -17.92
C GLY C 112 0.26 -15.87 -19.19
N PRO C 113 -0.95 -16.28 -19.58
CA PRO C 113 -1.09 -17.07 -20.81
C PRO C 113 -0.68 -16.29 -22.04
N VAL C 114 -0.16 -17.01 -23.03
CA VAL C 114 0.31 -16.43 -24.28
C VAL C 114 -0.39 -17.13 -25.44
N LYS C 115 -0.20 -16.57 -26.63
CA LYS C 115 -0.77 -17.09 -27.87
C LYS C 115 -2.29 -17.19 -27.78
N GLU D 1 -7.89 -28.12 3.76
CA GLU D 1 -7.47 -28.44 5.12
C GLU D 1 -6.78 -27.24 5.76
N TRP D 2 -5.60 -27.46 6.34
CA TRP D 2 -4.81 -26.42 6.97
C TRP D 2 -3.61 -26.09 6.08
N THR D 3 -3.18 -24.83 6.15
CA THR D 3 -2.01 -24.40 5.39
C THR D 3 -0.77 -25.19 5.78
N GLY D 4 -0.62 -25.49 7.07
CA GLY D 4 0.55 -26.20 7.55
C GLY D 4 0.39 -27.71 7.59
N ASP D 5 -0.59 -28.23 6.85
CA ASP D 5 -0.81 -29.67 6.80
C ASP D 5 0.37 -30.36 6.11
N SER D 6 0.36 -31.69 6.16
CA SER D 6 1.46 -32.47 5.61
C SER D 6 1.49 -32.42 4.09
N SER D 7 0.33 -32.31 3.45
CA SER D 7 0.24 -32.32 1.99
C SER D 7 0.49 -30.96 1.36
N ILE D 8 1.15 -30.04 2.08
CA ILE D 8 1.42 -28.70 1.59
C ILE D 8 2.92 -28.50 1.53
N ASN D 9 3.42 -28.11 0.36
CA ASN D 9 4.82 -27.77 0.24
C ASN D 9 5.01 -26.29 0.54
N TYR D 10 6.24 -25.92 0.91
CA TYR D 10 6.53 -24.52 1.16
C TYR D 10 7.95 -24.20 0.68
N TYR D 11 8.09 -23.01 0.13
CA TYR D 11 9.36 -22.53 -0.40
C TYR D 11 9.68 -21.19 0.27
N SER D 12 10.80 -21.13 0.96
CA SER D 12 11.18 -19.95 1.74
C SER D 12 12.15 -19.08 0.98
N ASP D 13 12.28 -17.83 1.44
CA ASP D 13 13.24 -16.85 0.91
C ASP D 13 12.93 -16.48 -0.54
N GLU D 14 11.69 -16.74 -0.98
CA GLU D 14 11.29 -16.44 -2.34
C GLU D 14 10.73 -15.02 -2.43
N VAL D 15 10.94 -14.38 -3.57
CA VAL D 15 10.46 -13.04 -3.84
C VAL D 15 9.49 -13.11 -5.01
N ILE D 16 8.31 -12.54 -4.82
CA ILE D 16 7.30 -12.54 -5.88
C ILE D 16 7.76 -11.59 -6.98
N SER D 17 8.16 -12.14 -8.12
CA SER D 17 8.67 -11.33 -9.23
C SER D 17 7.60 -10.94 -10.22
N ASP D 18 6.64 -11.83 -10.50
CA ASP D 18 5.60 -11.55 -11.48
C ASP D 18 4.23 -11.77 -10.86
N PHE D 19 3.31 -10.84 -11.15
CA PHE D 19 1.94 -10.91 -10.68
C PHE D 19 1.00 -10.91 -11.87
N HIS D 20 0.01 -11.80 -11.84
CA HIS D 20 -0.99 -11.88 -12.90
C HIS D 20 -2.37 -12.01 -12.27
N VAL D 21 -3.35 -11.32 -12.84
CA VAL D 21 -4.73 -11.41 -12.38
C VAL D 21 -5.61 -11.70 -13.59
N GLY D 22 -6.75 -12.31 -13.32
CA GLY D 22 -7.69 -12.60 -14.40
C GLY D 22 -8.90 -13.32 -13.87
N GLN D 23 -9.63 -13.95 -14.78
CA GLN D 23 -10.80 -14.73 -14.42
C GLN D 23 -10.74 -16.07 -15.14
N PHE D 24 -11.04 -17.14 -14.42
CA PHE D 24 -11.18 -18.48 -14.99
C PHE D 24 -12.61 -18.92 -14.74
N ASN D 25 -13.32 -19.30 -15.82
CA ASN D 25 -14.73 -19.64 -15.75
C ASN D 25 -15.53 -18.52 -15.10
N ARG D 26 -15.99 -18.75 -13.87
CA ARG D 26 -16.76 -17.76 -13.12
C ARG D 26 -16.10 -17.41 -11.79
N SER D 27 -14.77 -17.54 -11.71
CA SER D 27 -14.02 -17.25 -10.50
C SER D 27 -12.82 -16.39 -10.85
N ALA D 28 -12.64 -15.29 -10.13
CA ALA D 28 -11.43 -14.50 -10.27
C ALA D 28 -10.24 -15.28 -9.77
N TYR D 29 -9.07 -15.01 -10.34
CA TYR D 29 -7.86 -15.71 -9.94
C TYR D 29 -6.67 -14.77 -10.03
N PHE D 30 -5.64 -15.09 -9.25
CA PHE D 30 -4.37 -14.40 -9.35
C PHE D 30 -3.24 -15.42 -9.21
N CYS D 31 -2.19 -15.23 -9.99
CA CYS D 31 -1.00 -16.06 -9.98
C CYS D 31 0.22 -15.23 -9.63
N ILE D 32 1.12 -15.84 -8.86
CA ILE D 32 2.39 -15.22 -8.49
C ILE D 32 3.52 -16.13 -8.99
N LYS D 33 4.52 -15.52 -9.61
CA LYS D 33 5.72 -16.20 -10.05
C LYS D 33 6.90 -15.66 -9.26
N THR D 34 7.61 -16.54 -8.58
CA THR D 34 8.73 -16.16 -7.75
C THR D 34 10.02 -16.09 -8.56
N VAL D 35 11.03 -15.45 -7.98
CA VAL D 35 12.31 -15.28 -8.67
C VAL D 35 12.98 -16.63 -8.83
N LYS D 36 13.65 -16.81 -9.97
CA LYS D 36 14.36 -18.06 -10.26
C LYS D 36 15.41 -18.37 -9.21
N LYS D 37 15.96 -17.34 -8.55
CA LYS D 37 16.94 -17.50 -7.49
C LYS D 37 18.26 -18.04 -8.05
N SER D 38 18.64 -19.24 -7.62
CA SER D 38 19.91 -19.83 -8.04
C SER D 38 19.79 -21.35 -7.92
N GLY D 39 20.86 -22.04 -8.35
CA GLY D 39 20.86 -23.49 -8.28
C GLY D 39 19.82 -24.08 -9.21
N GLU D 40 19.19 -25.16 -8.75
CA GLU D 40 18.15 -25.85 -9.50
C GLU D 40 16.75 -25.48 -9.02
N GLY D 41 16.63 -24.38 -8.28
CA GLY D 41 15.36 -23.93 -7.75
C GLY D 41 14.54 -23.18 -8.76
N THR D 42 13.89 -23.90 -9.69
CA THR D 42 13.10 -23.31 -10.75
C THR D 42 11.98 -22.46 -10.15
N PRO D 43 11.58 -21.37 -10.82
CA PRO D 43 10.58 -20.48 -10.24
C PRO D 43 9.29 -21.21 -9.89
N ILE D 44 8.72 -20.84 -8.75
CA ILE D 44 7.47 -21.45 -8.27
C ILE D 44 6.33 -20.55 -8.70
N ILE D 45 5.36 -21.12 -9.41
CA ILE D 45 4.16 -20.41 -9.85
C ILE D 45 3.01 -20.93 -9.02
N ALA D 46 2.34 -20.03 -8.31
CA ALA D 46 1.22 -20.40 -7.44
C ALA D 46 0.03 -19.53 -7.77
N CYS D 47 -1.11 -20.16 -8.05
CA CYS D 47 -2.33 -19.47 -8.39
C CYS D 47 -3.41 -19.75 -7.36
N ALA D 48 -4.28 -18.77 -7.16
CA ALA D 48 -5.42 -18.88 -6.26
C ALA D 48 -6.66 -18.39 -6.98
N LEU D 49 -7.74 -19.16 -6.87
CA LEU D 49 -9.01 -18.86 -7.53
C LEU D 49 -10.06 -18.47 -6.50
N SER D 50 -10.88 -17.49 -6.85
CA SER D 50 -11.82 -16.90 -5.90
C SER D 50 -12.99 -17.81 -5.57
N HIS D 51 -13.50 -18.59 -6.55
CA HIS D 51 -14.75 -19.29 -6.34
C HIS D 51 -14.70 -20.73 -6.80
N ASP D 52 -13.52 -21.33 -6.91
CA ASP D 52 -13.42 -22.74 -7.28
C ASP D 52 -12.08 -23.26 -6.77
N SER D 53 -12.11 -24.06 -5.71
CA SER D 53 -10.93 -24.70 -5.15
C SER D 53 -11.30 -25.53 -3.93
N LYS D 54 -11.16 -24.92 -2.75
CA LYS D 54 -11.27 -25.55 -1.43
C LYS D 54 -10.56 -24.61 -0.45
N TRP D 55 -9.67 -23.78 -0.99
CA TRP D 55 -9.05 -22.68 -0.28
C TRP D 55 -9.80 -21.38 -0.50
N ILE D 56 -11.11 -21.47 -0.76
CA ILE D 56 -11.92 -20.28 -1.01
C ILE D 56 -11.85 -19.27 0.14
N PRO D 57 -12.06 -19.66 1.41
CA PRO D 57 -12.14 -18.64 2.47
C PRO D 57 -10.91 -17.77 2.60
N SER D 58 -9.75 -18.25 2.18
CA SER D 58 -8.52 -17.48 2.29
C SER D 58 -8.12 -16.78 1.00
N PHE D 59 -8.91 -16.89 -0.06
CA PHE D 59 -8.51 -16.33 -1.35
C PHE D 59 -8.21 -14.84 -1.23
N ASN D 60 -9.06 -14.10 -0.54
CA ASN D 60 -8.82 -12.67 -0.35
C ASN D 60 -7.55 -12.43 0.45
N ILE D 61 -7.33 -13.23 1.51
CA ILE D 61 -6.22 -12.94 2.41
C ILE D 61 -4.87 -13.16 1.72
N MET D 62 -4.75 -14.17 0.85
CA MET D 62 -3.59 -14.21 -0.04
C MET D 62 -3.57 -13.04 -1.01
N LEU D 63 -4.73 -12.71 -1.60
CA LEU D 63 -4.76 -11.73 -2.67
C LEU D 63 -4.20 -10.39 -2.21
N GLU D 64 -4.67 -9.88 -1.07
CA GLU D 64 -4.11 -8.64 -0.55
C GLU D 64 -2.69 -8.84 -0.05
N GLN D 65 -2.35 -10.02 0.43
CA GLN D 65 -1.01 -10.24 0.97
C GLN D 65 0.02 -10.37 -0.15
N ALA D 66 -0.20 -11.32 -1.07
CA ALA D 66 0.73 -11.52 -2.18
C ALA D 66 1.00 -10.21 -2.91
N ARG D 67 -0.05 -9.42 -3.14
CA ARG D 67 0.13 -8.13 -3.79
C ARG D 67 1.10 -7.24 -3.01
N ASN D 68 0.88 -7.09 -1.70
CA ASN D 68 1.82 -6.33 -0.89
C ASN D 68 3.19 -7.00 -0.84
N PHE D 69 3.26 -8.32 -1.00
CA PHE D 69 4.56 -8.95 -1.12
C PHE D 69 5.17 -8.73 -2.49
N TYR D 70 4.33 -8.62 -3.53
CA TYR D 70 4.84 -8.28 -4.85
C TYR D 70 5.31 -6.83 -4.90
N ILE D 71 4.53 -5.93 -4.30
CA ILE D 71 4.86 -4.51 -4.36
C ILE D 71 6.11 -4.20 -3.54
N THR D 72 6.18 -4.73 -2.31
CA THR D 72 7.32 -4.45 -1.44
C THR D 72 8.56 -5.24 -1.81
N GLY D 73 8.41 -6.35 -2.54
CA GLY D 73 9.55 -7.17 -2.89
C GLY D 73 10.17 -7.91 -1.73
N HIS D 74 9.44 -8.07 -0.62
CA HIS D 74 9.98 -8.74 0.54
C HIS D 74 10.18 -10.23 0.26
N SER D 75 11.28 -10.77 0.76
CA SER D 75 11.50 -12.22 0.74
C SER D 75 10.50 -12.87 1.68
N ILE D 76 9.80 -13.89 1.19
CA ILE D 76 8.68 -14.49 1.91
C ILE D 76 8.75 -16.00 1.76
N ARG D 77 7.78 -16.68 2.35
CA ARG D 77 7.61 -18.12 2.23
C ARG D 77 6.24 -18.40 1.65
N VAL D 78 6.21 -19.24 0.61
CA VAL D 78 5.00 -19.57 -0.13
C VAL D 78 4.62 -20.99 0.24
N TYR D 79 3.40 -21.16 0.76
CA TYR D 79 2.82 -22.47 0.99
C TYR D 79 1.88 -22.77 -0.17
N VAL D 80 2.25 -23.78 -0.97
CA VAL D 80 1.43 -24.15 -2.17
C VAL D 80 1.08 -25.65 -2.10
N GLN D 81 -0.06 -26.01 -2.68
CA GLN D 81 -0.56 -27.37 -2.77
C GLN D 81 -0.60 -27.79 -4.23
N PRO D 82 0.19 -28.76 -4.66
CA PRO D 82 0.25 -29.09 -6.09
C PRO D 82 -0.97 -29.86 -6.55
N ASN D 83 -1.17 -29.83 -7.87
CA ASN D 83 -2.22 -30.60 -8.54
C ASN D 83 -3.61 -30.26 -8.01
N VAL D 84 -3.86 -28.97 -7.78
CA VAL D 84 -5.19 -28.52 -7.40
C VAL D 84 -6.00 -28.10 -8.63
N TRP D 85 -5.41 -27.28 -9.48
CA TRP D 85 -6.07 -26.88 -10.72
C TRP D 85 -5.95 -27.99 -11.76
N SER D 86 -7.06 -28.32 -12.41
CA SER D 86 -7.12 -29.48 -13.28
C SER D 86 -7.29 -29.15 -14.76
N ASN D 87 -7.56 -27.89 -15.11
CA ASN D 87 -7.73 -27.54 -16.51
C ASN D 87 -6.39 -27.61 -17.23
N LYS D 88 -6.37 -28.33 -18.35
CA LYS D 88 -5.11 -28.61 -19.05
C LYS D 88 -4.47 -27.32 -19.53
N SER D 89 -5.26 -26.42 -20.12
CA SER D 89 -4.70 -25.16 -20.60
C SER D 89 -4.19 -24.31 -19.45
N PHE D 90 -4.91 -24.29 -18.33
CA PHE D 90 -4.46 -23.54 -17.16
C PHE D 90 -3.15 -24.08 -16.62
N ILE D 91 -3.02 -25.41 -16.57
CA ILE D 91 -1.77 -26.02 -16.11
C ILE D 91 -0.64 -25.77 -17.09
N GLU D 92 -0.96 -25.68 -18.39
CA GLU D 92 0.09 -25.43 -19.39
C GLU D 92 0.59 -24.00 -19.31
N ALA D 93 -0.32 -23.03 -19.24
CA ALA D 93 0.07 -21.63 -19.21
C ALA D 93 0.55 -21.21 -17.82
N LEU D 94 -0.35 -21.29 -16.84
CA LEU D 94 0.01 -21.05 -15.44
C LEU D 94 0.36 -22.39 -14.80
N SER D 95 0.43 -22.44 -13.47
CA SER D 95 0.75 -23.69 -12.79
C SER D 95 -0.49 -24.24 -12.11
N SER D 96 -0.38 -25.51 -11.69
CA SER D 96 -1.44 -26.17 -10.93
C SER D 96 -1.26 -26.03 -9.43
N ASN D 97 -0.23 -25.32 -8.99
CA ASN D 97 0.02 -25.13 -7.56
C ASN D 97 -0.95 -24.09 -7.01
N ALA D 98 -1.73 -24.47 -6.01
CA ALA D 98 -2.66 -23.56 -5.37
C ALA D 98 -1.94 -22.79 -4.28
N LEU D 99 -2.07 -21.46 -4.32
CA LEU D 99 -1.48 -20.60 -3.29
C LEU D 99 -2.34 -20.70 -2.04
N VAL D 100 -1.82 -21.35 -1.00
CA VAL D 100 -2.57 -21.60 0.22
C VAL D 100 -1.99 -20.90 1.43
N GLY D 101 -0.78 -20.35 1.36
CA GLY D 101 -0.24 -19.64 2.50
C GLY D 101 0.89 -18.70 2.10
N LEU D 102 1.04 -17.63 2.87
CA LEU D 102 2.11 -16.66 2.67
C LEU D 102 2.64 -16.24 4.03
N SER D 103 3.95 -16.24 4.19
CA SER D 103 4.58 -15.91 5.46
C SER D 103 5.73 -14.93 5.24
N SER D 104 5.95 -14.07 6.22
CA SER D 104 7.06 -13.12 6.16
C SER D 104 8.34 -13.79 6.64
N CYS D 105 9.42 -13.61 5.89
CA CYS D 105 10.72 -14.15 6.24
C CYS D 105 11.59 -13.06 6.87
N SER D 106 12.41 -13.47 7.82
CA SER D 106 13.31 -12.58 8.55
C SER D 106 14.71 -13.15 8.57
N THR D 107 15.20 -13.56 7.39
CA THR D 107 16.48 -14.25 7.22
C THR D 107 16.39 -15.54 8.03
N SER D 108 17.41 -15.90 8.82
CA SER D 108 17.46 -17.06 9.72
C SER D 108 16.37 -18.09 9.47
N GLU D 109 15.20 -17.87 10.08
CA GLU D 109 14.02 -18.70 9.87
C GLU D 109 12.87 -17.85 9.36
N CYS D 110 11.81 -18.52 8.93
CA CYS D 110 10.60 -17.86 8.45
C CYS D 110 9.44 -18.23 9.36
N PHE D 111 8.58 -17.24 9.64
CA PHE D 111 7.43 -17.47 10.49
C PHE D 111 6.45 -18.42 9.80
N GLY D 112 5.73 -19.20 10.60
CA GLY D 112 4.72 -20.07 10.07
C GLY D 112 4.98 -21.53 10.35
N PRO D 113 4.03 -22.39 10.01
CA PRO D 113 4.20 -23.83 10.24
C PRO D 113 5.31 -24.42 9.37
N VAL D 114 5.94 -25.45 9.89
CA VAL D 114 7.00 -26.18 9.19
C VAL D 114 6.65 -27.66 9.21
N LYS D 115 7.54 -28.46 8.61
CA LYS D 115 7.38 -29.91 8.53
C LYS D 115 6.06 -30.29 7.86
N GLU E 1 -17.54 -10.25 26.41
CA GLU E 1 -17.25 -10.35 24.98
C GLU E 1 -16.59 -9.08 24.49
N TRP E 2 -15.63 -8.57 25.27
CA TRP E 2 -14.99 -7.29 25.01
C TRP E 2 -13.49 -7.43 25.15
N THR E 3 -12.76 -6.58 24.43
CA THR E 3 -11.30 -6.52 24.54
C THR E 3 -10.91 -5.65 25.74
N GLY E 4 -11.55 -5.88 26.88
CA GLY E 4 -11.22 -5.19 28.10
C GLY E 4 -11.44 -6.07 29.31
N ASP E 5 -11.76 -7.35 29.05
CA ASP E 5 -12.10 -8.27 30.11
C ASP E 5 -10.85 -8.65 30.92
N SER E 6 -11.09 -9.23 32.09
CA SER E 6 -10.00 -9.73 32.92
C SER E 6 -9.30 -10.93 32.27
N SER E 7 -9.96 -11.58 31.31
CA SER E 7 -9.40 -12.74 30.63
C SER E 7 -8.54 -12.37 29.44
N ILE E 8 -8.38 -11.07 29.15
CA ILE E 8 -7.56 -10.61 28.04
C ILE E 8 -6.23 -10.11 28.58
N ASN E 9 -5.14 -10.61 28.04
CA ASN E 9 -3.80 -10.18 28.41
C ASN E 9 -3.23 -9.30 27.31
N TYR E 10 -2.69 -8.15 27.68
CA TYR E 10 -2.13 -7.22 26.73
C TYR E 10 -0.64 -7.05 26.96
N TYR E 11 0.09 -6.90 25.86
CA TYR E 11 1.52 -6.63 25.86
C TYR E 11 1.76 -5.33 25.11
N SER E 12 2.36 -4.35 25.77
CA SER E 12 2.57 -3.03 25.21
C SER E 12 3.98 -2.90 24.64
N ASP E 13 4.15 -1.90 23.79
CA ASP E 13 5.44 -1.56 23.16
C ASP E 13 5.91 -2.68 22.23
N GLU E 14 5.01 -3.55 21.82
CA GLU E 14 5.31 -4.58 20.85
C GLU E 14 5.44 -3.96 19.45
N VAL E 15 6.20 -4.65 18.60
CA VAL E 15 6.32 -4.26 17.19
C VAL E 15 6.12 -5.51 16.36
N ILE E 16 5.16 -5.47 15.44
CA ILE E 16 4.85 -6.64 14.62
C ILE E 16 6.05 -6.91 13.70
N SER E 17 6.77 -7.99 13.98
CA SER E 17 7.96 -8.33 13.21
C SER E 17 7.66 -9.23 12.02
N ASP E 18 6.79 -10.22 12.21
CA ASP E 18 6.51 -11.20 11.16
C ASP E 18 5.02 -11.37 10.97
N PHE E 19 4.63 -11.65 9.73
CA PHE E 19 3.24 -11.82 9.34
C PHE E 19 3.07 -13.17 8.66
N HIS E 20 1.91 -13.79 8.86
CA HIS E 20 1.61 -15.06 8.21
C HIS E 20 0.12 -15.10 7.93
N VAL E 21 -0.25 -15.59 6.75
CA VAL E 21 -1.65 -15.74 6.37
C VAL E 21 -1.85 -17.15 5.84
N GLY E 22 -3.00 -17.74 6.15
CA GLY E 22 -3.29 -19.07 5.69
C GLY E 22 -4.76 -19.39 5.85
N GLN E 23 -5.08 -20.67 5.74
CA GLN E 23 -6.44 -21.15 5.96
C GLN E 23 -6.42 -22.36 6.86
N PHE E 24 -7.24 -22.34 7.90
CA PHE E 24 -7.44 -23.48 8.79
C PHE E 24 -8.88 -23.96 8.64
N ASN E 25 -9.03 -25.24 8.31
CA ASN E 25 -10.34 -25.82 8.04
C ASN E 25 -11.05 -25.05 6.93
N ARG E 26 -12.09 -24.30 7.29
CA ARG E 26 -12.85 -23.50 6.33
C ARG E 26 -12.81 -22.02 6.67
N SER E 27 -11.76 -21.57 7.38
CA SER E 27 -11.67 -20.19 7.83
C SER E 27 -10.28 -19.65 7.52
N ALA E 28 -10.21 -18.49 6.90
CA ALA E 28 -8.94 -17.80 6.75
C ALA E 28 -8.42 -17.36 8.10
N TYR E 29 -7.09 -17.30 8.21
CA TYR E 29 -6.48 -16.89 9.46
C TYR E 29 -5.23 -16.09 9.16
N PHE E 30 -4.88 -15.21 10.09
CA PHE E 30 -3.63 -14.47 10.03
C PHE E 30 -2.99 -14.46 11.41
N CYS E 31 -1.67 -14.65 11.44
CA CYS E 31 -0.88 -14.65 12.65
C CYS E 31 0.18 -13.57 12.57
N ILE E 32 0.39 -12.88 13.68
CA ILE E 32 1.40 -11.83 13.80
C ILE E 32 2.36 -12.23 14.90
N LYS E 33 3.65 -12.15 14.62
CA LYS E 33 4.70 -12.38 15.60
C LYS E 33 5.36 -11.04 15.91
N THR E 34 5.24 -10.61 17.16
CA THR E 34 5.72 -9.31 17.60
C THR E 34 6.87 -9.49 18.57
N VAL E 35 7.96 -8.76 18.34
CA VAL E 35 9.12 -8.77 19.22
C VAL E 35 9.21 -7.43 19.94
N LYS E 36 9.45 -7.48 21.24
CA LYS E 36 9.60 -6.26 22.03
C LYS E 36 10.81 -5.48 21.54
N LYS E 37 10.67 -4.16 21.46
CA LYS E 37 11.74 -3.31 20.94
C LYS E 37 12.71 -3.03 22.10
N SER E 38 13.11 -4.11 22.76
CA SER E 38 14.13 -4.06 23.81
C SER E 38 15.19 -5.13 23.56
N GLY E 39 14.76 -6.29 23.09
CA GLY E 39 15.66 -7.40 22.85
C GLY E 39 15.59 -8.46 23.92
N GLU E 40 14.68 -8.30 24.87
CA GLU E 40 14.53 -9.21 25.99
C GLU E 40 13.11 -9.78 26.00
N GLY E 41 13.00 -11.08 26.22
CA GLY E 41 11.72 -11.76 26.29
C GLY E 41 11.38 -12.48 25.00
N THR E 42 10.56 -13.51 25.14
CA THR E 42 10.15 -14.29 23.99
C THR E 42 9.16 -13.49 23.14
N PRO E 43 9.12 -13.74 21.83
CA PRO E 43 8.14 -13.04 20.98
C PRO E 43 6.72 -13.47 21.32
N ILE E 44 5.78 -12.59 21.01
CA ILE E 44 4.36 -12.83 21.24
C ILE E 44 3.71 -13.15 19.90
N ILE E 45 3.04 -14.29 19.82
CA ILE E 45 2.40 -14.75 18.60
C ILE E 45 0.89 -14.70 18.82
N ALA E 46 0.19 -13.96 17.96
CA ALA E 46 -1.25 -13.79 18.08
C ALA E 46 -1.90 -14.13 16.74
N CYS E 47 -2.89 -15.00 16.77
CA CYS E 47 -3.57 -15.46 15.57
C CYS E 47 -5.05 -15.14 15.64
N ALA E 48 -5.63 -14.83 14.48
CA ALA E 48 -7.06 -14.58 14.35
C ALA E 48 -7.60 -15.39 13.18
N LEU E 49 -8.73 -16.06 13.40
CA LEU E 49 -9.36 -16.90 12.40
C LEU E 49 -10.65 -16.24 11.92
N SER E 50 -10.90 -16.32 10.61
CA SER E 50 -12.02 -15.61 10.01
C SER E 50 -13.36 -16.16 10.49
N HIS E 51 -13.48 -17.48 10.60
CA HIS E 51 -14.75 -18.13 10.89
C HIS E 51 -14.62 -19.07 12.08
N ASP E 52 -13.99 -18.59 13.15
CA ASP E 52 -13.83 -19.41 14.35
C ASP E 52 -13.78 -18.49 15.57
N SER E 53 -14.10 -19.08 16.73
CA SER E 53 -14.06 -18.40 18.01
C SER E 53 -15.08 -17.27 18.10
N LYS E 54 -15.10 -16.57 19.22
CA LYS E 54 -16.04 -15.48 19.45
C LYS E 54 -15.57 -14.15 18.88
N TRP E 55 -14.37 -14.11 18.29
CA TRP E 55 -13.80 -12.87 17.77
C TRP E 55 -13.90 -12.77 16.26
N ILE E 56 -14.88 -13.43 15.66
CA ILE E 56 -15.11 -13.28 14.22
C ILE E 56 -15.42 -11.84 13.81
N PRO E 57 -16.34 -11.12 14.50
CA PRO E 57 -16.69 -9.77 14.02
C PRO E 57 -15.51 -8.83 13.89
N SER E 58 -14.48 -8.99 14.71
CA SER E 58 -13.32 -8.10 14.67
C SER E 58 -12.19 -8.62 13.79
N PHE E 59 -12.34 -9.81 13.21
CA PHE E 59 -11.26 -10.36 12.40
C PHE E 59 -10.86 -9.40 11.29
N ASN E 60 -11.82 -8.95 10.50
CA ASN E 60 -11.53 -8.04 9.40
C ASN E 60 -11.01 -6.69 9.87
N ILE E 61 -11.23 -6.31 11.13
CA ILE E 61 -10.66 -5.06 11.62
C ILE E 61 -9.27 -5.29 12.22
N MET E 62 -8.91 -6.54 12.53
CA MET E 62 -7.57 -6.84 13.01
C MET E 62 -6.63 -7.22 11.89
N LEU E 63 -7.16 -7.69 10.76
CA LEU E 63 -6.30 -8.02 9.63
C LEU E 63 -5.73 -6.77 8.99
N GLU E 64 -6.55 -5.75 8.79
CA GLU E 64 -6.08 -4.51 8.18
C GLU E 64 -5.36 -3.59 9.15
N GLN E 65 -5.50 -3.81 10.45
CA GLN E 65 -4.77 -3.01 11.43
C GLN E 65 -3.39 -3.57 11.69
N ALA E 66 -3.29 -4.88 11.88
CA ALA E 66 -1.99 -5.52 12.02
C ALA E 66 -1.14 -5.28 10.78
N ARG E 67 -1.73 -5.49 9.60
CA ARG E 67 -1.06 -5.13 8.36
C ARG E 67 -0.73 -3.65 8.31
N ASN E 68 -1.58 -2.81 8.91
CA ASN E 68 -1.25 -1.40 9.05
C ASN E 68 -0.02 -1.22 9.94
N PHE E 69 0.05 -1.97 11.03
CA PHE E 69 1.16 -1.83 11.97
C PHE E 69 2.40 -2.60 11.55
N TYR E 70 2.23 -3.67 10.76
CA TYR E 70 3.40 -4.40 10.26
C TYR E 70 4.16 -3.59 9.22
N ILE E 71 3.43 -2.93 8.32
CA ILE E 71 4.08 -2.10 7.31
C ILE E 71 4.69 -0.86 7.93
N THR E 72 3.95 -0.20 8.84
CA THR E 72 4.45 1.02 9.45
C THR E 72 5.55 0.72 10.47
N GLY E 73 5.41 -0.36 11.23
CA GLY E 73 6.37 -0.68 12.26
C GLY E 73 6.21 0.13 13.53
N HIS E 74 5.04 0.73 13.76
CA HIS E 74 4.80 1.50 14.96
C HIS E 74 4.79 0.60 16.19
N SER E 75 5.20 1.16 17.33
CA SER E 75 5.08 0.45 18.58
C SER E 75 3.61 0.35 18.98
N ILE E 76 3.16 -0.87 19.28
CA ILE E 76 1.75 -1.17 19.45
C ILE E 76 1.52 -1.92 20.75
N ARG E 77 0.24 -2.13 21.05
CA ARG E 77 -0.20 -2.96 22.17
C ARG E 77 -1.08 -4.07 21.62
N VAL E 78 -0.76 -5.30 21.99
CA VAL E 78 -1.45 -6.49 21.48
C VAL E 78 -2.28 -7.07 22.62
N TYR E 79 -3.59 -7.16 22.41
CA TYR E 79 -4.50 -7.78 23.34
C TYR E 79 -4.85 -9.16 22.82
N VAL E 80 -4.50 -10.19 23.57
CA VAL E 80 -4.75 -11.57 23.18
C VAL E 80 -5.55 -12.27 24.26
N GLN E 81 -6.32 -13.28 23.84
CA GLN E 81 -7.02 -14.18 24.75
C GLN E 81 -6.41 -15.56 24.60
N PRO E 82 -5.73 -16.08 25.62
CA PRO E 82 -5.00 -17.33 25.46
C PRO E 82 -5.90 -18.55 25.44
N ASN E 83 -5.32 -19.67 25.01
CA ASN E 83 -5.98 -20.98 25.01
C ASN E 83 -7.31 -20.96 24.27
N VAL E 84 -7.32 -20.36 23.08
CA VAL E 84 -8.53 -20.34 22.26
C VAL E 84 -8.50 -21.49 21.26
N TRP E 85 -7.41 -21.60 20.51
CA TRP E 85 -7.29 -22.65 19.51
C TRP E 85 -6.98 -23.99 20.17
N SER E 86 -7.54 -25.05 19.61
CA SER E 86 -7.44 -26.38 20.19
C SER E 86 -6.72 -27.40 19.33
N ASN E 87 -6.63 -27.18 18.02
CA ASN E 87 -5.96 -28.12 17.14
C ASN E 87 -4.47 -28.16 17.43
N LYS E 88 -4.00 -29.26 18.03
CA LYS E 88 -2.66 -29.30 18.61
C LYS E 88 -1.60 -28.82 17.64
N SER E 89 -1.72 -29.19 16.37
CA SER E 89 -0.76 -28.74 15.37
C SER E 89 -0.76 -27.21 15.26
N PHE E 90 -1.92 -26.59 15.42
CA PHE E 90 -2.00 -25.14 15.27
C PHE E 90 -1.26 -24.42 16.40
N ILE E 91 -1.48 -24.82 17.65
CA ILE E 91 -0.74 -24.21 18.76
C ILE E 91 0.74 -24.52 18.64
N GLU E 92 1.08 -25.78 18.36
CA GLU E 92 2.49 -26.14 18.30
C GLU E 92 3.21 -25.41 17.19
N ALA E 93 2.50 -25.09 16.10
CA ALA E 93 3.11 -24.34 15.01
C ALA E 93 3.10 -22.84 15.28
N LEU E 94 1.91 -22.24 15.36
CA LEU E 94 1.83 -20.79 15.49
C LEU E 94 1.64 -20.31 16.93
N SER E 95 0.49 -20.61 17.53
CA SER E 95 0.15 -20.14 18.86
C SER E 95 -1.24 -20.62 19.24
N SER E 96 -1.58 -20.46 20.52
CA SER E 96 -2.95 -20.60 20.99
C SER E 96 -3.59 -19.25 21.29
N ASN E 97 -2.80 -18.18 21.43
CA ASN E 97 -3.35 -16.87 21.70
C ASN E 97 -4.20 -16.39 20.52
N ALA E 98 -5.31 -15.73 20.83
CA ALA E 98 -6.19 -15.16 19.82
C ALA E 98 -6.01 -13.65 19.82
N LEU E 99 -5.69 -13.10 18.65
CA LEU E 99 -5.54 -11.65 18.52
C LEU E 99 -6.91 -10.99 18.63
N VAL E 100 -7.18 -10.36 19.77
CA VAL E 100 -8.49 -9.76 20.01
C VAL E 100 -8.44 -8.24 20.09
N GLY E 101 -7.26 -7.63 20.11
CA GLY E 101 -7.19 -6.18 20.13
C GLY E 101 -5.84 -5.67 19.70
N LEU E 102 -5.83 -4.49 19.09
CA LEU E 102 -4.60 -3.81 18.70
C LEU E 102 -4.75 -2.34 19.02
N SER E 103 -3.70 -1.75 19.59
CA SER E 103 -3.72 -0.34 19.94
C SER E 103 -2.40 0.30 19.56
N SER E 104 -2.42 1.61 19.35
CA SER E 104 -1.22 2.37 19.09
C SER E 104 -0.56 2.73 20.42
N CYS E 105 0.73 2.48 20.54
CA CYS E 105 1.48 2.76 21.75
C CYS E 105 2.41 3.94 21.51
N SER E 106 2.43 4.88 22.44
CA SER E 106 3.29 6.06 22.39
C SER E 106 4.42 5.92 23.39
N THR E 107 5.29 6.92 23.42
CA THR E 107 6.46 6.88 24.30
C THR E 107 6.05 6.98 25.76
N SER E 108 5.12 7.88 26.09
CA SER E 108 4.75 8.10 27.48
C SER E 108 3.72 7.07 27.96
N GLU E 109 2.55 7.08 27.33
CA GLU E 109 1.49 6.12 27.65
C GLU E 109 0.92 5.59 26.35
N CYS E 110 0.21 4.48 26.43
CA CYS E 110 -0.23 3.81 25.22
C CYS E 110 -1.74 3.58 25.28
N PHE E 111 -2.39 3.74 24.13
CA PHE E 111 -3.84 3.84 24.06
C PHE E 111 -4.50 2.49 24.29
N GLY E 112 -5.80 2.53 24.61
CA GLY E 112 -6.58 1.33 24.80
C GLY E 112 -6.97 1.11 26.25
N PRO E 113 -7.89 0.18 26.48
CA PRO E 113 -8.26 -0.17 27.86
C PRO E 113 -7.08 -0.77 28.61
N VAL E 114 -7.03 -0.48 29.91
CA VAL E 114 -5.92 -0.89 30.75
C VAL E 114 -6.45 -1.79 31.86
N LYS E 115 -5.54 -2.51 32.51
CA LYS E 115 -5.85 -3.44 33.58
C LYS E 115 -6.86 -4.50 33.13
N GLU F 1 -29.46 12.27 12.65
CA GLU F 1 -29.42 11.52 11.40
C GLU F 1 -28.34 12.05 10.47
N TRP F 2 -27.66 13.11 10.91
CA TRP F 2 -26.64 13.74 10.10
C TRP F 2 -25.55 14.28 11.01
N THR F 3 -24.31 14.25 10.52
CA THR F 3 -23.17 14.75 11.28
C THR F 3 -23.17 16.26 11.41
N GLY F 4 -24.02 16.97 10.67
CA GLY F 4 -24.17 18.41 10.81
C GLY F 4 -25.30 18.84 11.72
N ASP F 5 -25.88 17.93 12.49
CA ASP F 5 -26.98 18.26 13.37
C ASP F 5 -26.48 19.06 14.57
N SER F 6 -27.44 19.68 15.28
CA SER F 6 -27.09 20.47 16.45
C SER F 6 -26.57 19.60 17.59
N SER F 7 -27.08 18.37 17.71
CA SER F 7 -26.63 17.49 18.79
C SER F 7 -25.18 17.06 18.58
N ILE F 8 -24.69 17.14 17.35
CA ILE F 8 -23.32 16.73 17.06
C ILE F 8 -22.36 17.86 17.41
N ASN F 9 -21.35 17.54 18.21
CA ASN F 9 -20.26 18.46 18.48
C ASN F 9 -19.12 18.20 17.49
N TYR F 10 -18.27 19.19 17.31
CA TYR F 10 -17.12 19.04 16.42
C TYR F 10 -15.95 19.84 16.96
N TYR F 11 -14.75 19.28 16.78
CA TYR F 11 -13.50 19.90 17.19
C TYR F 11 -12.58 20.00 15.98
N SER F 12 -12.12 21.21 15.71
CA SER F 12 -11.31 21.49 14.52
C SER F 12 -9.82 21.49 14.87
N ASP F 13 -9.00 21.40 13.82
CA ASP F 13 -7.54 21.45 13.94
C ASP F 13 -7.02 20.36 14.87
N GLU F 14 -7.65 19.18 14.81
CA GLU F 14 -7.21 18.03 15.58
C GLU F 14 -6.31 17.14 14.73
N VAL F 15 -5.37 16.48 15.39
CA VAL F 15 -4.48 15.51 14.76
C VAL F 15 -4.64 14.18 15.48
N ILE F 16 -5.01 13.14 14.74
CA ILE F 16 -5.20 11.82 15.32
C ILE F 16 -3.87 11.32 15.87
N SER F 17 -3.78 11.19 17.19
CA SER F 17 -2.54 10.77 17.85
C SER F 17 -2.52 9.29 18.20
N ASP F 18 -3.66 8.72 18.55
CA ASP F 18 -3.71 7.32 18.97
C ASP F 18 -4.85 6.60 18.27
N PHE F 19 -4.64 5.32 17.99
CA PHE F 19 -5.62 4.46 17.34
C PHE F 19 -5.75 3.16 18.13
N HIS F 20 -6.97 2.64 18.22
CA HIS F 20 -7.20 1.38 18.91
C HIS F 20 -8.34 0.65 18.22
N VAL F 21 -8.20 -0.66 18.06
CA VAL F 21 -9.25 -1.48 17.49
C VAL F 21 -9.52 -2.65 18.42
N GLY F 22 -10.74 -3.17 18.36
CA GLY F 22 -11.09 -4.28 19.21
C GLY F 22 -12.48 -4.78 18.91
N GLN F 23 -12.98 -5.64 19.80
CA GLN F 23 -14.33 -6.18 19.69
C GLN F 23 -15.06 -5.94 21.00
N PHE F 24 -16.37 -5.70 20.89
CA PHE F 24 -17.23 -5.42 22.05
C PHE F 24 -18.61 -5.94 21.71
N ASN F 25 -19.05 -6.99 22.41
CA ASN F 25 -20.37 -7.58 22.27
C ASN F 25 -20.76 -7.76 20.79
N ARG F 26 -19.99 -8.63 20.13
CA ARG F 26 -20.21 -9.01 18.73
C ARG F 26 -20.14 -7.82 17.78
N SER F 27 -19.54 -6.71 18.20
CA SER F 27 -19.39 -5.54 17.32
C SER F 27 -17.93 -5.12 17.31
N ALA F 28 -17.34 -5.09 16.11
CA ALA F 28 -16.01 -4.52 15.98
C ALA F 28 -16.05 -3.01 16.24
N TYR F 29 -15.04 -2.50 16.92
CA TYR F 29 -15.01 -1.10 17.26
C TYR F 29 -13.60 -0.55 17.07
N PHE F 30 -13.53 0.76 16.82
CA PHE F 30 -12.26 1.45 16.76
C PHE F 30 -12.41 2.82 17.42
N CYS F 31 -11.38 3.20 18.17
CA CYS F 31 -11.33 4.47 18.88
C CYS F 31 -10.12 5.26 18.41
N ILE F 32 -10.30 6.57 18.26
CA ILE F 32 -9.22 7.48 17.90
C ILE F 32 -9.10 8.53 18.99
N LYS F 33 -7.87 8.78 19.41
CA LYS F 33 -7.55 9.86 20.34
C LYS F 33 -6.84 10.95 19.55
N THR F 34 -7.49 12.09 19.42
CA THR F 34 -6.98 13.25 18.70
C THR F 34 -6.56 14.33 19.69
N VAL F 35 -5.45 14.98 19.39
CA VAL F 35 -4.87 15.99 20.27
C VAL F 35 -4.81 17.32 19.52
N LYS F 36 -5.10 18.40 20.25
CA LYS F 36 -4.97 19.74 19.70
C LYS F 36 -3.53 20.00 19.29
N LYS F 37 -3.36 20.70 18.17
CA LYS F 37 -2.02 21.08 17.72
C LYS F 37 -1.40 22.06 18.70
N SER F 38 -0.07 22.00 18.81
CA SER F 38 0.74 22.84 19.69
C SER F 38 0.59 22.44 21.15
N GLY F 39 -0.31 21.50 21.44
CA GLY F 39 -0.36 20.90 22.76
C GLY F 39 -1.09 21.70 23.82
N GLU F 40 -2.26 22.27 23.46
CA GLU F 40 -3.04 23.00 24.46
C GLU F 40 -3.53 22.07 25.56
N GLY F 41 -3.90 20.83 25.19
CA GLY F 41 -4.32 19.80 26.12
C GLY F 41 -5.69 19.27 25.76
N THR F 42 -6.29 18.55 26.71
CA THR F 42 -7.64 17.98 26.60
C THR F 42 -7.80 17.15 25.34
N PRO F 43 -7.18 15.96 25.25
CA PRO F 43 -7.39 15.11 24.08
C PRO F 43 -8.83 14.64 23.98
N ILE F 44 -9.30 14.46 22.75
CA ILE F 44 -10.66 14.03 22.45
C ILE F 44 -10.61 12.58 21.98
N ILE F 45 -11.39 11.72 22.63
CA ILE F 45 -11.47 10.31 22.28
C ILE F 45 -12.83 10.04 21.66
N ALA F 46 -12.83 9.49 20.45
CA ALA F 46 -14.07 9.20 19.74
C ALA F 46 -14.03 7.75 19.27
N CYS F 47 -15.09 7.00 19.54
CA CYS F 47 -15.17 5.60 19.23
C CYS F 47 -16.33 5.33 18.29
N ALA F 48 -16.17 4.32 17.43
CA ALA F 48 -17.23 3.88 16.53
C ALA F 48 -17.32 2.36 16.59
N LEU F 49 -18.55 1.85 16.72
CA LEU F 49 -18.81 0.43 16.82
C LEU F 49 -19.48 -0.06 15.54
N SER F 50 -19.15 -1.29 15.14
CA SER F 50 -19.63 -1.80 13.86
C SER F 50 -21.12 -2.13 13.90
N HIS F 51 -21.63 -2.55 15.06
CA HIS F 51 -23.00 -3.06 15.14
C HIS F 51 -23.76 -2.46 16.32
N ASP F 52 -23.44 -1.22 16.70
CA ASP F 52 -24.12 -0.56 17.80
C ASP F 52 -24.34 0.90 17.44
N SER F 53 -25.33 1.51 18.10
CA SER F 53 -25.73 2.91 17.89
C SER F 53 -26.51 3.03 16.59
N LYS F 54 -26.73 4.26 16.13
CA LYS F 54 -27.37 4.50 14.83
C LYS F 54 -26.36 4.78 13.73
N TRP F 55 -25.07 4.60 13.99
CA TRP F 55 -24.01 4.99 13.07
C TRP F 55 -23.33 3.80 12.41
N ILE F 56 -24.01 2.65 12.28
CA ILE F 56 -23.46 1.53 11.53
C ILE F 56 -23.16 1.89 10.08
N PRO F 57 -24.07 2.51 9.32
CA PRO F 57 -23.82 2.66 7.87
C PRO F 57 -22.58 3.44 7.53
N SER F 58 -22.08 4.28 8.44
CA SER F 58 -20.88 5.07 8.19
C SER F 58 -19.68 4.58 9.00
N PHE F 59 -19.75 3.38 9.57
CA PHE F 59 -18.63 2.86 10.35
C PHE F 59 -17.39 2.68 9.49
N ASN F 60 -17.49 1.84 8.46
CA ASN F 60 -16.33 1.56 7.61
C ASN F 60 -15.79 2.84 7.00
N ILE F 61 -16.68 3.73 6.54
CA ILE F 61 -16.25 4.97 5.92
C ILE F 61 -15.44 5.81 6.90
N MET F 62 -15.76 5.76 8.19
CA MET F 62 -14.95 6.44 9.19
C MET F 62 -13.73 5.65 9.61
N LEU F 63 -13.73 4.33 9.44
CA LEU F 63 -12.55 3.55 9.78
C LEU F 63 -11.42 3.85 8.82
N GLU F 64 -11.61 3.54 7.53
CA GLU F 64 -10.60 3.78 6.53
C GLU F 64 -10.27 5.25 6.37
N GLN F 65 -11.15 6.15 6.78
CA GLN F 65 -10.80 7.57 6.80
C GLN F 65 -9.98 7.95 8.01
N ALA F 66 -10.25 7.34 9.17
CA ALA F 66 -9.41 7.61 10.34
C ALA F 66 -8.01 7.08 10.14
N ARG F 67 -7.90 5.84 9.67
CA ARG F 67 -6.60 5.23 9.40
C ARG F 67 -5.77 6.14 8.48
N ASN F 68 -6.36 6.56 7.36
CA ASN F 68 -5.68 7.50 6.48
C ASN F 68 -5.29 8.77 7.22
N PHE F 69 -6.23 9.33 8.00
CA PHE F 69 -5.91 10.52 8.77
C PHE F 69 -4.87 10.24 9.85
N TYR F 70 -4.78 8.98 10.30
CA TYR F 70 -3.69 8.59 11.19
C TYR F 70 -2.40 8.40 10.41
N ILE F 71 -2.48 7.96 9.16
CA ILE F 71 -1.28 7.74 8.36
C ILE F 71 -0.62 9.07 8.00
N THR F 72 -1.41 10.01 7.48
CA THR F 72 -0.85 11.29 7.05
C THR F 72 -0.58 12.21 8.22
N GLY F 73 -1.35 12.10 9.29
CA GLY F 73 -1.18 13.00 10.43
C GLY F 73 -1.52 14.44 10.12
N HIS F 74 -2.58 14.67 9.35
CA HIS F 74 -2.96 16.01 8.94
C HIS F 74 -3.93 16.63 9.94
N SER F 75 -4.02 17.95 9.93
CA SER F 75 -5.00 18.64 10.76
C SER F 75 -6.39 18.36 10.25
N ILE F 76 -7.23 17.76 11.10
CA ILE F 76 -8.54 17.29 10.72
C ILE F 76 -9.56 17.71 11.77
N ARG F 77 -10.82 17.73 11.34
CA ARG F 77 -11.95 18.05 12.21
C ARG F 77 -12.71 16.78 12.55
N VAL F 78 -13.04 16.62 13.82
CA VAL F 78 -13.70 15.43 14.34
C VAL F 78 -15.13 15.81 14.73
N TYR F 79 -16.10 15.12 14.15
CA TYR F 79 -17.50 15.29 14.50
C TYR F 79 -17.92 14.10 15.37
N VAL F 80 -18.30 14.37 16.61
CA VAL F 80 -18.66 13.34 17.57
C VAL F 80 -20.04 13.61 18.13
N GLN F 81 -20.70 12.55 18.60
CA GLN F 81 -21.96 12.65 19.31
C GLN F 81 -21.75 12.21 20.75
N PRO F 82 -21.84 13.13 21.72
CA PRO F 82 -21.60 12.74 23.11
C PRO F 82 -22.67 11.81 23.64
N ASN F 83 -22.27 10.99 24.61
CA ASN F 83 -23.17 10.11 25.36
C ASN F 83 -23.92 9.15 24.43
N VAL F 84 -23.16 8.30 23.76
CA VAL F 84 -23.71 7.28 22.87
C VAL F 84 -23.52 5.88 23.44
N TRP F 85 -22.30 5.56 23.87
CA TRP F 85 -22.03 4.26 24.49
C TRP F 85 -22.46 4.30 25.95
N SER F 86 -23.11 3.22 26.40
CA SER F 86 -23.68 3.17 27.73
C SER F 86 -22.92 2.27 28.69
N ASN F 87 -22.09 1.35 28.18
CA ASN F 87 -21.35 0.45 29.05
C ASN F 87 -20.36 1.21 29.89
N LYS F 88 -20.54 1.18 31.21
CA LYS F 88 -19.71 1.97 32.11
C LYS F 88 -18.24 1.57 32.01
N SER F 89 -17.97 0.27 31.91
CA SER F 89 -16.60 -0.18 31.72
C SER F 89 -16.02 0.37 30.42
N PHE F 90 -16.79 0.32 29.33
CA PHE F 90 -16.34 0.89 28.07
C PHE F 90 -16.21 2.40 28.16
N ILE F 91 -17.15 3.07 28.84
CA ILE F 91 -17.10 4.52 28.97
C ILE F 91 -15.83 4.94 29.69
N GLU F 92 -15.53 4.30 30.82
CA GLU F 92 -14.33 4.65 31.58
C GLU F 92 -13.06 4.22 30.86
N ALA F 93 -13.15 3.17 30.05
CA ALA F 93 -11.97 2.70 29.33
C ALA F 93 -11.55 3.68 28.24
N LEU F 94 -12.43 3.93 27.27
CA LEU F 94 -12.06 4.75 26.12
C LEU F 94 -12.84 6.06 26.05
N SER F 95 -14.17 6.01 25.94
CA SER F 95 -14.98 7.22 25.83
C SER F 95 -16.44 6.81 25.72
N SER F 96 -17.32 7.81 25.79
CA SER F 96 -18.72 7.65 25.46
C SER F 96 -19.09 8.33 24.13
N ASN F 97 -18.18 9.11 23.56
CA ASN F 97 -18.44 9.79 22.31
C ASN F 97 -18.47 8.79 21.15
N ALA F 98 -19.27 9.09 20.15
CA ALA F 98 -19.35 8.30 18.93
C ALA F 98 -18.75 9.09 17.78
N LEU F 99 -17.83 8.47 17.05
CA LEU F 99 -17.25 9.10 15.87
C LEU F 99 -18.26 9.11 14.75
N VAL F 100 -18.78 10.30 14.42
CA VAL F 100 -19.83 10.41 13.41
C VAL F 100 -19.37 11.15 12.16
N GLY F 101 -18.22 11.82 12.18
CA GLY F 101 -17.75 12.51 10.99
C GLY F 101 -16.30 12.85 11.07
N LEU F 102 -15.65 12.92 9.90
CA LEU F 102 -14.26 13.30 9.80
C LEU F 102 -14.11 14.26 8.63
N SER F 103 -13.37 15.34 8.83
CA SER F 103 -13.23 16.37 7.81
C SER F 103 -11.78 16.79 7.71
N SER F 104 -11.39 17.29 6.54
CA SER F 104 -10.04 17.80 6.32
C SER F 104 -9.99 19.28 6.64
N CYS F 105 -8.99 19.71 7.39
CA CYS F 105 -8.77 21.10 7.73
C CYS F 105 -7.55 21.61 6.98
N SER F 106 -7.69 22.77 6.34
CA SER F 106 -6.62 23.37 5.56
C SER F 106 -5.94 24.53 6.27
N THR F 107 -6.10 24.63 7.60
CA THR F 107 -5.48 25.65 8.43
C THR F 107 -6.07 27.03 8.14
N SER F 108 -6.97 27.11 7.16
CA SER F 108 -7.71 28.33 6.85
C SER F 108 -9.17 28.18 7.24
N GLU F 109 -9.82 27.11 6.79
CA GLU F 109 -11.20 26.81 7.15
C GLU F 109 -11.45 25.34 6.91
N CYS F 110 -11.99 24.65 7.91
CA CYS F 110 -12.24 23.23 7.81
C CYS F 110 -13.47 22.96 6.96
N PHE F 111 -13.36 21.98 6.06
CA PHE F 111 -14.40 21.68 5.08
C PHE F 111 -15.43 20.75 5.73
N GLY F 112 -16.66 21.24 5.88
CA GLY F 112 -17.72 20.45 6.44
C GLY F 112 -18.79 21.32 7.05
N PRO F 113 -19.85 20.69 7.57
CA PRO F 113 -20.90 21.46 8.25
C PRO F 113 -20.36 22.21 9.45
N VAL F 114 -20.85 23.42 9.65
CA VAL F 114 -20.40 24.31 10.71
C VAL F 114 -21.61 24.76 11.52
N LYS F 115 -21.38 25.13 12.77
CA LYS F 115 -22.45 25.61 13.63
C LYS F 115 -21.96 26.76 14.50
#